data_9MFT
#
_entry.id   9MFT
#
_cell.length_a   85.875
_cell.length_b   85.875
_cell.length_c   350.085
_cell.angle_alpha   90.00
_cell.angle_beta   90.00
_cell.angle_gamma   90.00
#
_symmetry.space_group_name_H-M   'P 43 21 2'
#
loop_
_entity.id
_entity.type
_entity.pdbx_description
1 polymer 'ATP-dependent RNA helicase A'
2 non-polymer (4M)-N-[3-chloro-5-(methanesulfonamido)phenyl]-4-(3-methylpyridin-2-yl)thiophene-2-carboxamide
3 non-polymer "ADENOSINE-5'-DIPHOSPHATE"
4 non-polymer 'MAGNESIUM ION'
5 non-polymer 1,2-ETHANEDIOL
6 non-polymer 'SULFATE ION'
7 water water
#
_entity_poly.entity_id   1
_entity_poly.type   'polypeptide(L)'
_entity_poly.pdbx_seq_one_letter_code
;MSRKEEQEVQATLESEEVDLNAGLHGNWTLENAKARLNQYFQKEKIQGEYKYTQVGPDHNRSFIAEMTIYIKQLGRRIFA
REHGSNKKLAAQSCALSLVRQLYHLGVVEAYSGLTKKKEGETVEPYKVNLSQDLEHQLQNIIQELNLEILPPPEDPSVPV
ALNIGKLAQFEPSQRQNQVGVVPWSPPQSNWNPWTSSNIDEGPLAFATPEQISMDLKNELMYQLEQDHDLQAILQERELL
PVKKFESEILEAISQNSVVIIRGATGCGKTTQVPQFILDDFIQNDRAAECNIVVTQPRRISAVSVAERVAFERGEEPGKS
CGYSVRFESILPRPHASIMFCTVGVLLRKLEAGIRGISHVIVDEIHERDINTDFLLVVLRDVVQAYPEVRIVLMSATIDT
SMFCEYFFNCPIIEVYGRTYPVQEYFLEDCIQMTHFVPPPKDKKKKDKDDDGGEDDDANCNLICGDEYGPETRLSMSQLN
EKETPFELIEALLKYIETLNVPGAVLVFLPGWNLIYTMQKHLEMNPHFGSHRYQILPLHSQIPREEQRKVFDPVPVGVTK
VILSTNIAETSITINDVVYVIDSCKQKVKLFTAHNNMTNYATVWASKTNLEQRKGRAGRVRPGFCFHLCSRARFERLETH
MTPEMFRTPLHEIALSIKLLRLGGIGQFLAKAIEPPPLDAVIEAEHTLRELDALDANDELTPLGRILAKLPIEPRFGKMM
IMGCIFYVGDAICTIAAATCFPEPFINEGKRLGYIHRNFAGNRFSDHVALLSVFQAWDDARMGGEEAEIRFCEHKRLNMA
TLRMTWEAKVQLKEILINSGFPEDCLLTQVFTNTGPDNNLDVVISLLAFGVYPNVCYHKEKRKILTTEGRNALIHKSSVN
CPFSSQDMKYPSPFFVFGEKIRTRAISAKGMTLVTPLQLLLFASKKVQSDGQIVLVDDWIKLQISHEAAACITGLRAAME
ALVVEVTKQPAIISQLDPVNERMLNMIRQISRPSAAGINLMIDYKDDDDK
;
_entity_poly.pdbx_strand_id   A
#
# COMPACT_ATOMS: atom_id res chain seq x y z
N VAL A 123 23.24 -27.74 4.07
CA VAL A 123 23.08 -28.95 3.19
C VAL A 123 24.23 -28.99 2.18
N GLU A 124 24.42 -30.13 1.52
CA GLU A 124 25.52 -30.38 0.54
C GLU A 124 25.31 -29.50 -0.69
N PRO A 125 26.40 -29.07 -1.37
CA PRO A 125 26.30 -28.16 -2.50
C PRO A 125 25.51 -28.77 -3.68
N TYR A 126 24.64 -27.97 -4.30
CA TYR A 126 23.86 -28.33 -5.51
C TYR A 126 24.77 -28.23 -6.75
N LYS A 127 24.83 -29.30 -7.55
CA LYS A 127 25.69 -29.36 -8.77
C LYS A 127 24.96 -28.68 -9.93
N VAL A 128 25.72 -27.94 -10.74
CA VAL A 128 25.22 -27.17 -11.93
C VAL A 128 25.93 -27.74 -13.18
N ASN A 129 25.14 -28.30 -14.11
CA ASN A 129 25.66 -28.97 -15.34
C ASN A 129 25.68 -27.97 -16.49
N LEU A 130 26.70 -27.10 -16.51
CA LEU A 130 26.96 -26.12 -17.60
C LEU A 130 27.60 -26.86 -18.79
N SER A 131 26.99 -26.77 -19.97
CA SER A 131 27.52 -27.30 -21.25
C SER A 131 28.81 -26.54 -21.60
N GLN A 132 29.75 -27.22 -22.26
CA GLN A 132 31.11 -26.67 -22.59
C GLN A 132 30.96 -25.49 -23.57
N ASP A 133 29.98 -25.54 -24.48
CA ASP A 133 29.70 -24.46 -25.47
C ASP A 133 29.34 -23.17 -24.73
N LEU A 134 28.46 -23.26 -23.73
CA LEU A 134 28.02 -22.12 -22.88
C LEU A 134 29.20 -21.60 -22.06
N GLU A 135 29.96 -22.52 -21.44
CA GLU A 135 31.15 -22.23 -20.60
C GLU A 135 32.09 -21.25 -21.34
N HIS A 136 32.35 -21.51 -22.62
CA HIS A 136 33.29 -20.73 -23.47
C HIS A 136 32.65 -19.41 -23.92
N GLN A 137 31.36 -19.43 -24.27
CA GLN A 137 30.57 -18.23 -24.67
C GLN A 137 30.68 -17.16 -23.58
N LEU A 138 30.50 -17.56 -22.31
CA LEU A 138 30.59 -16.66 -21.14
C LEU A 138 31.99 -16.03 -21.07
N GLN A 139 33.04 -16.82 -21.30
CA GLN A 139 34.45 -16.36 -21.26
C GLN A 139 34.72 -15.40 -22.44
N ASN A 140 34.13 -15.66 -23.61
CA ASN A 140 34.28 -14.84 -24.84
C ASN A 140 33.75 -13.42 -24.58
N ILE A 141 32.48 -13.31 -24.17
CA ILE A 141 31.77 -12.01 -23.98
C ILE A 141 32.49 -11.18 -22.91
N ILE A 142 33.01 -11.84 -21.85
CA ILE A 142 33.78 -11.19 -20.76
C ILE A 142 35.08 -10.61 -21.34
N GLN A 143 35.73 -11.33 -22.27
CA GLN A 143 36.97 -10.88 -22.96
C GLN A 143 36.62 -9.74 -23.93
N GLU A 144 35.48 -9.84 -24.60
CA GLU A 144 34.97 -8.81 -25.56
C GLU A 144 34.57 -7.55 -24.78
N LEU A 145 34.08 -7.69 -23.55
CA LEU A 145 33.63 -6.57 -22.67
C LEU A 145 34.82 -5.94 -21.95
N ASN A 146 36.03 -6.47 -22.15
CA ASN A 146 37.30 -5.96 -21.57
C ASN A 146 37.27 -6.13 -20.05
N LEU A 147 36.65 -7.22 -19.57
CA LEU A 147 36.65 -7.64 -18.14
C LEU A 147 37.60 -8.82 -17.99
N GLU A 148 38.34 -8.87 -16.87
CA GLU A 148 39.28 -9.98 -16.55
C GLU A 148 38.55 -10.97 -15.63
N ILE A 149 38.85 -12.27 -15.77
CA ILE A 149 38.40 -13.36 -14.86
C ILE A 149 39.31 -13.33 -13.62
N LEU A 150 38.77 -12.92 -12.46
CA LEU A 150 39.54 -12.78 -11.19
C LEU A 150 40.14 -14.14 -10.84
N PRO A 151 41.47 -14.26 -10.69
CA PRO A 151 42.13 -15.57 -10.59
C PRO A 151 41.75 -16.33 -9.32
N PRO A 152 41.82 -17.68 -9.34
CA PRO A 152 41.44 -18.51 -8.19
C PRO A 152 42.31 -18.26 -6.96
N PRO A 153 41.89 -18.73 -5.76
CA PRO A 153 42.64 -18.48 -4.53
C PRO A 153 43.89 -19.36 -4.41
N GLU A 154 44.97 -18.81 -3.84
CA GLU A 154 46.27 -19.50 -3.61
C GLU A 154 46.04 -20.76 -2.77
N ASP A 155 45.19 -20.65 -1.75
CA ASP A 155 44.71 -21.80 -0.91
C ASP A 155 43.21 -21.67 -0.74
N PRO A 156 42.42 -22.75 -0.97
CA PRO A 156 40.96 -22.72 -0.80
C PRO A 156 40.47 -22.15 0.54
N SER A 157 41.33 -22.15 1.57
CA SER A 157 41.05 -21.61 2.93
C SER A 157 40.62 -20.13 2.84
N VAL A 158 41.27 -19.34 1.98
CA VAL A 158 40.98 -17.88 1.75
C VAL A 158 40.27 -17.73 0.41
N PRO A 159 38.91 -17.68 0.38
CA PRO A 159 38.17 -17.55 -0.86
C PRO A 159 38.08 -16.10 -1.34
N VAL A 160 38.35 -15.86 -2.62
CA VAL A 160 38.35 -14.50 -3.26
C VAL A 160 36.92 -14.15 -3.67
N ALA A 161 36.50 -12.90 -3.43
CA ALA A 161 35.17 -12.36 -3.80
C ALA A 161 35.14 -12.03 -5.29
N LEU A 162 34.22 -12.65 -6.04
CA LEU A 162 34.06 -12.49 -7.51
C LEU A 162 33.15 -11.29 -7.81
N ASN A 163 32.28 -10.91 -6.86
CA ASN A 163 31.37 -9.74 -6.96
C ASN A 163 32.19 -8.46 -7.10
N ILE A 164 31.86 -7.63 -8.10
CA ILE A 164 32.60 -6.38 -8.47
C ILE A 164 31.58 -5.24 -8.61
N SER A 173 28.65 14.44 -10.73
CA SER A 173 28.78 13.82 -9.38
C SER A 173 29.14 14.88 -8.33
N GLN A 174 30.11 15.76 -8.63
CA GLN A 174 30.61 16.82 -7.71
C GLN A 174 29.64 18.01 -7.72
N ARG A 175 28.43 17.81 -7.19
CA ARG A 175 27.35 18.82 -7.10
C ARG A 175 26.66 18.69 -5.75
N GLN A 176 26.10 19.79 -5.22
CA GLN A 176 25.45 19.86 -3.88
C GLN A 176 24.18 20.70 -3.97
N ASN A 177 23.24 20.48 -3.05
CA ASN A 177 21.92 21.16 -2.98
C ASN A 177 21.86 21.98 -1.69
N GLN A 178 21.00 23.01 -1.65
CA GLN A 178 20.73 23.87 -0.47
C GLN A 178 19.23 23.89 -0.19
N VAL A 179 18.83 24.32 1.01
CA VAL A 179 17.43 24.29 1.51
C VAL A 179 16.57 25.21 0.63
N GLY A 180 15.69 24.63 -0.18
CA GLY A 180 14.69 25.34 -1.01
C GLY A 180 13.28 25.00 -0.57
N VAL A 181 12.32 25.89 -0.87
CA VAL A 181 10.88 25.76 -0.49
C VAL A 181 10.08 25.40 -1.74
N VAL A 182 9.02 24.61 -1.58
CA VAL A 182 8.04 24.29 -2.67
C VAL A 182 7.29 25.57 -3.01
N PRO A 183 7.33 26.03 -4.28
CA PRO A 183 6.69 27.30 -4.66
C PRO A 183 5.15 27.22 -4.60
N TRP A 184 4.50 28.37 -4.38
CA TRP A 184 3.03 28.50 -4.27
C TRP A 184 2.53 29.68 -5.12
N SER A 185 1.27 29.61 -5.56
CA SER A 185 0.56 30.69 -6.30
C SER A 185 -0.95 30.48 -6.17
N PRO A 186 -1.76 31.55 -6.04
CA PRO A 186 -3.19 31.41 -5.80
C PRO A 186 -3.97 31.03 -7.07
N PRO A 187 -5.27 30.66 -6.95
CA PRO A 187 -6.10 30.35 -8.11
C PRO A 187 -6.22 31.49 -9.14
N GLN A 188 -6.08 31.15 -10.42
CA GLN A 188 -6.33 32.05 -11.58
C GLN A 188 -7.60 31.60 -12.31
N SER A 189 -8.03 32.35 -13.32
CA SER A 189 -9.24 32.09 -14.13
C SER A 189 -8.91 31.18 -15.33
N ASN A 190 -7.68 31.25 -15.83
CA ASN A 190 -7.25 30.60 -17.11
C ASN A 190 -6.35 29.38 -16.84
N TRP A 191 -6.13 29.04 -15.57
CA TRP A 191 -5.23 27.93 -15.14
C TRP A 191 -6.05 26.82 -14.48
N ASN A 192 -5.93 25.59 -15.00
CA ASN A 192 -6.51 24.36 -14.40
C ASN A 192 -5.47 23.75 -13.46
N PRO A 193 -5.70 23.77 -12.12
CA PRO A 193 -4.70 23.32 -11.16
C PRO A 193 -4.50 21.80 -11.17
N TRP A 194 -5.55 21.05 -11.55
CA TRP A 194 -5.58 19.56 -11.50
C TRP A 194 -4.79 18.99 -12.68
N THR A 195 -5.02 19.47 -13.90
CA THR A 195 -4.32 19.03 -15.13
C THR A 195 -2.96 19.75 -15.23
N SER A 196 -2.77 20.83 -14.45
CA SER A 196 -1.55 21.68 -14.43
C SER A 196 -1.28 22.22 -15.84
N SER A 197 -2.33 22.73 -16.49
CA SER A 197 -2.33 23.23 -17.89
C SER A 197 -3.13 24.53 -17.99
N ASN A 198 -3.00 25.24 -19.11
CA ASN A 198 -3.81 26.44 -19.46
C ASN A 198 -5.16 25.98 -20.04
N ILE A 199 -6.15 26.87 -20.02
CA ILE A 199 -7.50 26.65 -20.64
C ILE A 199 -7.58 27.54 -21.90
N ASP A 200 -7.44 26.93 -23.09
CA ASP A 200 -7.36 27.63 -24.40
C ASP A 200 -8.72 27.57 -25.11
N GLU A 201 -9.35 26.39 -25.12
CA GLU A 201 -10.68 26.14 -25.75
C GLU A 201 -11.71 25.83 -24.65
N GLY A 202 -12.97 26.20 -24.88
CA GLY A 202 -14.09 26.04 -23.92
C GLY A 202 -14.63 27.39 -23.46
N PRO A 203 -15.67 27.41 -22.60
CA PRO A 203 -16.29 28.66 -22.15
C PRO A 203 -15.41 29.52 -21.24
N LEU A 204 -14.64 28.89 -20.34
CA LEU A 204 -13.76 29.59 -19.36
C LEU A 204 -12.38 29.83 -19.98
N ALA A 205 -12.27 29.76 -21.31
CA ALA A 205 -11.03 29.98 -22.09
C ALA A 205 -10.42 31.34 -21.73
N PHE A 206 -11.15 32.43 -22.01
CA PHE A 206 -10.74 33.84 -21.75
C PHE A 206 -11.83 34.57 -20.95
N ALA A 207 -12.74 33.82 -20.31
CA ALA A 207 -13.81 34.37 -19.43
C ALA A 207 -13.16 35.03 -18.21
N THR A 208 -13.84 36.00 -17.60
CA THR A 208 -13.33 36.82 -16.47
C THR A 208 -13.69 36.14 -15.15
N PRO A 209 -12.93 36.40 -14.06
CA PRO A 209 -13.25 35.87 -12.73
C PRO A 209 -14.67 36.20 -12.23
N GLU A 210 -15.22 37.34 -12.64
CA GLU A 210 -16.53 37.87 -12.18
C GLU A 210 -17.67 37.03 -12.79
N GLN A 211 -17.59 36.74 -14.09
CA GLN A 211 -18.55 35.88 -14.83
C GLN A 211 -18.64 34.52 -14.12
N ILE A 212 -17.48 33.85 -13.96
CA ILE A 212 -17.34 32.50 -13.35
C ILE A 212 -18.01 32.51 -11.97
N SER A 213 -17.73 33.53 -11.15
CA SER A 213 -18.26 33.68 -9.77
C SER A 213 -19.79 33.66 -9.79
N MET A 214 -20.41 34.44 -10.67
CA MET A 214 -21.89 34.56 -10.79
C MET A 214 -22.47 33.27 -11.40
N ASP A 215 -21.88 32.79 -12.50
CA ASP A 215 -22.32 31.58 -13.24
C ASP A 215 -22.47 30.42 -12.25
N LEU A 216 -21.44 30.19 -11.41
CA LEU A 216 -21.39 29.07 -10.44
C LEU A 216 -22.37 29.32 -9.29
N LYS A 217 -22.48 30.58 -8.83
CA LYS A 217 -23.46 30.99 -7.79
C LYS A 217 -24.88 30.72 -8.29
N ASN A 218 -25.26 31.32 -9.43
CA ASN A 218 -26.61 31.22 -10.04
C ASN A 218 -26.99 29.76 -10.27
N GLU A 219 -26.03 28.93 -10.71
CA GLU A 219 -26.21 27.48 -10.96
C GLU A 219 -26.55 26.78 -9.64
N LEU A 220 -25.88 27.15 -8.55
CA LEU A 220 -26.07 26.56 -7.20
C LEU A 220 -27.40 27.04 -6.60
N MET A 221 -27.68 28.35 -6.69
CA MET A 221 -28.90 28.98 -6.12
C MET A 221 -30.15 28.45 -6.84
N TYR A 222 -30.03 28.13 -8.14
CA TYR A 222 -31.12 27.54 -8.96
C TYR A 222 -31.29 26.06 -8.60
N GLN A 223 -30.18 25.33 -8.44
CA GLN A 223 -30.15 23.89 -8.09
C GLN A 223 -30.86 23.67 -6.75
N LEU A 224 -30.62 24.54 -5.76
CA LEU A 224 -31.13 24.42 -4.36
C LEU A 224 -32.65 24.54 -4.31
N GLU A 225 -33.24 25.43 -5.12
CA GLU A 225 -34.70 25.72 -5.11
C GLU A 225 -35.46 24.76 -6.02
N GLN A 226 -34.77 24.10 -6.98
CA GLN A 226 -35.38 23.23 -8.01
C GLN A 226 -35.21 21.74 -7.65
N ASP A 227 -34.52 21.43 -6.56
CA ASP A 227 -34.21 20.04 -6.15
C ASP A 227 -34.69 19.82 -4.70
N HIS A 228 -35.84 19.17 -4.53
CA HIS A 228 -36.45 18.84 -3.22
C HIS A 228 -35.71 17.66 -2.58
N ASP A 229 -35.06 16.81 -3.40
CA ASP A 229 -34.21 15.69 -2.92
C ASP A 229 -32.91 16.26 -2.31
N LEU A 230 -32.37 17.35 -2.89
CA LEU A 230 -31.15 18.03 -2.40
C LEU A 230 -31.46 18.83 -1.13
N GLN A 231 -32.67 19.38 -1.02
CA GLN A 231 -33.15 20.15 0.17
C GLN A 231 -33.19 19.23 1.39
N ALA A 232 -33.72 18.01 1.24
CA ALA A 232 -33.80 16.97 2.30
C ALA A 232 -32.39 16.62 2.79
N ILE A 233 -31.44 16.51 1.86
CA ILE A 233 -30.00 16.21 2.13
C ILE A 233 -29.35 17.44 2.80
N LEU A 234 -29.68 18.65 2.34
CA LEU A 234 -29.13 19.93 2.86
C LEU A 234 -29.64 20.17 4.28
N GLN A 235 -30.79 19.59 4.64
CA GLN A 235 -31.39 19.66 6.01
C GLN A 235 -30.64 18.71 6.94
N GLU A 236 -30.34 17.49 6.49
CA GLU A 236 -29.55 16.47 7.25
C GLU A 236 -28.19 17.05 7.64
N ARG A 237 -27.56 17.79 6.72
CA ARG A 237 -26.23 18.42 6.92
C ARG A 237 -26.27 19.42 8.09
N GLU A 238 -27.35 20.20 8.20
CA GLU A 238 -27.46 21.34 9.14
C GLU A 238 -27.80 20.84 10.55
N LEU A 239 -27.95 19.53 10.74
CA LEU A 239 -28.12 18.88 12.08
C LEU A 239 -26.76 18.44 12.63
N LEU A 240 -25.75 18.23 11.77
CA LEU A 240 -24.41 17.71 12.14
C LEU A 240 -23.78 18.62 13.18
N PRO A 241 -23.18 18.08 14.26
CA PRO A 241 -22.60 18.89 15.34
C PRO A 241 -21.69 20.05 14.88
N VAL A 242 -20.95 19.85 13.78
CA VAL A 242 -19.95 20.84 13.25
C VAL A 242 -20.67 22.10 12.76
N LYS A 243 -21.94 21.97 12.33
CA LYS A 243 -22.72 23.07 11.68
C LYS A 243 -22.68 24.33 12.54
N LYS A 244 -22.94 24.20 13.85
CA LYS A 244 -23.10 25.35 14.78
C LYS A 244 -21.77 26.06 15.02
N PHE A 245 -20.65 25.52 14.50
CA PHE A 245 -19.29 26.14 14.58
C PHE A 245 -18.90 26.76 13.23
N GLU A 246 -19.76 26.64 12.21
CA GLU A 246 -19.44 27.07 10.81
C GLU A 246 -18.81 28.47 10.84
N SER A 247 -19.51 29.45 11.42
CA SER A 247 -19.12 30.88 11.44
C SER A 247 -17.70 31.05 12.01
N GLU A 248 -17.39 30.32 13.09
CA GLU A 248 -16.10 30.39 13.82
C GLU A 248 -14.96 29.83 12.95
N ILE A 249 -15.17 28.67 12.32
CA ILE A 249 -14.19 27.97 11.44
C ILE A 249 -13.80 28.89 10.28
N LEU A 250 -14.79 29.43 9.57
CA LEU A 250 -14.58 30.34 8.41
C LEU A 250 -13.80 31.58 8.86
N GLU A 251 -14.11 32.09 10.05
CA GLU A 251 -13.47 33.30 10.65
C GLU A 251 -11.99 33.01 10.91
N ALA A 252 -11.69 31.89 11.56
CA ALA A 252 -10.32 31.44 11.91
C ALA A 252 -9.47 31.29 10.64
N ILE A 253 -9.97 30.55 9.64
CA ILE A 253 -9.24 30.21 8.38
C ILE A 253 -8.95 31.49 7.60
N SER A 254 -9.88 32.45 7.59
CA SER A 254 -9.80 33.70 6.78
C SER A 254 -8.69 34.62 7.30
N GLN A 255 -8.47 34.66 8.62
CA GLN A 255 -7.55 35.62 9.28
C GLN A 255 -6.19 34.97 9.57
N ASN A 256 -6.13 33.65 9.79
CA ASN A 256 -4.89 32.90 10.15
C ASN A 256 -4.45 32.00 8.98
N SER A 257 -3.13 31.87 8.78
CA SER A 257 -2.48 30.98 7.77
C SER A 257 -2.83 29.52 8.07
N VAL A 258 -2.41 29.02 9.24
CA VAL A 258 -2.63 27.63 9.69
C VAL A 258 -3.77 27.62 10.72
N VAL A 259 -4.58 26.55 10.72
CA VAL A 259 -5.70 26.35 11.68
C VAL A 259 -5.79 24.86 12.00
N ILE A 260 -6.04 24.52 13.27
CA ILE A 260 -6.33 23.14 13.74
C ILE A 260 -7.81 23.07 14.10
N ILE A 261 -8.57 22.21 13.42
CA ILE A 261 -10.00 21.94 13.73
C ILE A 261 -10.07 20.63 14.50
N ARG A 262 -10.23 20.72 15.83
CA ARG A 262 -10.21 19.58 16.78
C ARG A 262 -11.64 19.27 17.22
N GLY A 263 -12.05 17.99 17.15
CA GLY A 263 -13.39 17.55 17.57
C GLY A 263 -13.56 16.04 17.47
N ALA A 264 -14.49 15.49 18.25
CA ALA A 264 -14.79 14.04 18.32
C ALA A 264 -15.13 13.52 16.93
N THR A 265 -14.90 12.23 16.69
CA THR A 265 -15.14 11.55 15.40
C THR A 265 -16.66 11.39 15.18
N GLY A 266 -17.19 12.01 14.13
CA GLY A 266 -18.61 11.95 13.74
C GLY A 266 -19.30 13.30 13.81
N CYS A 267 -18.56 14.37 14.12
CA CYS A 267 -19.07 15.77 14.18
C CYS A 267 -19.31 16.31 12.77
N GLY A 268 -18.50 15.88 11.80
CA GLY A 268 -18.62 16.23 10.37
C GLY A 268 -17.49 17.14 9.88
N LYS A 269 -16.30 17.03 10.46
CA LYS A 269 -15.09 17.81 10.05
C LYS A 269 -14.78 17.52 8.57
N THR A 270 -14.66 16.24 8.23
CA THR A 270 -14.15 15.74 6.93
C THR A 270 -15.06 16.19 5.77
N THR A 271 -16.37 15.97 5.90
CA THR A 271 -17.37 16.12 4.82
C THR A 271 -17.86 17.57 4.70
N GLN A 272 -17.88 18.34 5.80
CA GLN A 272 -18.55 19.67 5.87
C GLN A 272 -17.55 20.82 5.75
N VAL A 273 -16.37 20.73 6.38
CA VAL A 273 -15.40 21.86 6.45
C VAL A 273 -15.05 22.30 5.03
N PRO A 274 -14.69 21.39 4.09
CA PRO A 274 -14.34 21.81 2.74
C PRO A 274 -15.52 22.48 2.02
N GLN A 275 -16.74 22.01 2.27
CA GLN A 275 -18.01 22.56 1.73
C GLN A 275 -18.25 23.97 2.29
N PHE A 276 -18.16 24.14 3.61
CA PHE A 276 -18.30 25.44 4.32
C PHE A 276 -17.38 26.48 3.65
N ILE A 277 -16.15 26.07 3.33
CA ILE A 277 -15.10 26.96 2.74
C ILE A 277 -15.49 27.29 1.29
N LEU A 278 -15.98 26.31 0.54
CA LEU A 278 -16.31 26.46 -0.91
C LEU A 278 -17.55 27.35 -1.06
N ASP A 279 -18.63 27.02 -0.35
CA ASP A 279 -19.93 27.75 -0.37
C ASP A 279 -19.72 29.19 0.13
N ASP A 280 -18.82 29.40 1.08
CA ASP A 280 -18.48 30.74 1.64
C ASP A 280 -17.92 31.63 0.53
N PHE A 281 -17.16 31.05 -0.41
CA PHE A 281 -16.55 31.77 -1.57
C PHE A 281 -17.59 31.92 -2.70
N ILE A 282 -18.50 30.95 -2.84
CA ILE A 282 -19.56 30.94 -3.90
C ILE A 282 -20.59 32.03 -3.61
N GLN A 283 -21.16 32.02 -2.40
CA GLN A 283 -22.26 32.93 -1.97
C GLN A 283 -21.77 34.39 -1.90
N ASN A 284 -20.47 34.60 -1.68
CA ASN A 284 -19.84 35.95 -1.56
C ASN A 284 -19.15 36.34 -2.86
N ASP A 285 -19.51 35.68 -3.98
CA ASP A 285 -19.10 36.05 -5.36
C ASP A 285 -17.57 36.02 -5.50
N ARG A 286 -16.94 34.90 -5.13
CA ARG A 286 -15.47 34.70 -5.21
C ARG A 286 -15.15 33.25 -5.57
N ALA A 287 -16.04 32.58 -6.31
CA ALA A 287 -15.94 31.14 -6.67
C ALA A 287 -14.68 30.88 -7.49
N ALA A 288 -14.20 31.88 -8.23
CA ALA A 288 -12.97 31.81 -9.07
C ALA A 288 -11.72 31.77 -8.18
N GLU A 289 -11.79 32.34 -6.97
CA GLU A 289 -10.65 32.52 -6.03
C GLU A 289 -10.58 31.37 -5.01
N CYS A 290 -11.12 30.19 -5.35
CA CYS A 290 -11.21 29.01 -4.43
C CYS A 290 -10.94 27.71 -5.19
N ASN A 291 -9.85 27.03 -4.84
CA ASN A 291 -9.53 25.64 -5.24
C ASN A 291 -8.88 24.94 -4.04
N ILE A 292 -9.52 23.88 -3.53
CA ILE A 292 -9.16 23.21 -2.24
C ILE A 292 -8.53 21.84 -2.54
N VAL A 293 -7.42 21.52 -1.86
CA VAL A 293 -6.81 20.15 -1.82
C VAL A 293 -7.12 19.57 -0.44
N VAL A 294 -7.69 18.36 -0.40
CA VAL A 294 -7.97 17.61 0.86
C VAL A 294 -7.17 16.31 0.83
N THR A 295 -6.22 16.16 1.75
CA THR A 295 -5.36 14.94 1.88
C THR A 295 -6.06 13.96 2.83
N GLN A 296 -6.06 12.68 2.48
CA GLN A 296 -6.56 11.57 3.33
C GLN A 296 -5.42 10.56 3.49
N PRO A 297 -5.30 9.86 4.64
CA PRO A 297 -4.25 8.86 4.83
C PRO A 297 -4.43 7.62 3.93
N ARG A 298 -5.65 7.09 3.87
CA ARG A 298 -5.99 5.82 3.15
C ARG A 298 -6.57 6.13 1.77
N ARG A 299 -6.40 5.19 0.83
CA ARG A 299 -6.92 5.26 -0.57
C ARG A 299 -8.45 5.31 -0.55
N ILE A 300 -9.08 4.46 0.25
CA ILE A 300 -10.56 4.28 0.28
C ILE A 300 -11.22 5.54 0.88
N SER A 301 -10.56 6.22 1.80
CA SER A 301 -11.04 7.47 2.44
C SER A 301 -11.18 8.58 1.38
N ALA A 302 -10.15 8.78 0.56
CA ALA A 302 -10.09 9.82 -0.50
C ALA A 302 -11.22 9.61 -1.51
N VAL A 303 -11.51 8.37 -1.88
CA VAL A 303 -12.53 7.99 -2.91
C VAL A 303 -13.93 8.10 -2.27
N SER A 304 -14.14 7.43 -1.13
CA SER A 304 -15.41 7.44 -0.36
C SER A 304 -15.88 8.89 -0.14
N VAL A 305 -15.02 9.71 0.48
CA VAL A 305 -15.34 11.11 0.87
C VAL A 305 -15.70 11.91 -0.39
N ALA A 306 -14.94 11.73 -1.47
CA ALA A 306 -15.21 12.36 -2.79
C ALA A 306 -16.65 12.02 -3.22
N GLU A 307 -16.99 10.72 -3.20
CA GLU A 307 -18.33 10.20 -3.63
C GLU A 307 -19.41 10.67 -2.65
N ARG A 308 -19.08 10.83 -1.36
CA ARG A 308 -20.03 11.25 -0.30
C ARG A 308 -20.32 12.75 -0.42
N VAL A 309 -19.28 13.58 -0.56
CA VAL A 309 -19.42 15.06 -0.67
C VAL A 309 -20.10 15.39 -2.00
N ALA A 310 -19.86 14.57 -3.04
CA ALA A 310 -20.51 14.68 -4.36
C ALA A 310 -22.03 14.54 -4.20
N PHE A 311 -22.47 13.46 -3.54
CA PHE A 311 -23.89 13.15 -3.21
C PHE A 311 -24.51 14.33 -2.44
N GLU A 312 -23.78 14.88 -1.48
CA GLU A 312 -24.22 16.01 -0.61
C GLU A 312 -24.38 17.30 -1.43
N ARG A 313 -23.93 17.31 -2.68
CA ARG A 313 -24.12 18.44 -3.63
C ARG A 313 -24.93 17.97 -4.84
N GLY A 314 -25.59 16.81 -4.73
CA GLY A 314 -26.48 16.22 -5.76
C GLY A 314 -25.75 15.87 -7.05
N GLU A 315 -24.41 15.79 -7.01
CA GLU A 315 -23.55 15.56 -8.19
C GLU A 315 -22.97 14.14 -8.15
N GLU A 316 -22.27 13.76 -9.23
CA GLU A 316 -21.28 12.66 -9.25
C GLU A 316 -19.89 13.29 -9.19
N PRO A 317 -18.83 12.55 -8.82
CA PRO A 317 -17.46 13.06 -8.94
C PRO A 317 -17.18 13.51 -10.38
N GLY A 318 -16.59 14.69 -10.55
CA GLY A 318 -16.32 15.31 -11.88
C GLY A 318 -16.77 16.76 -11.94
N LYS A 319 -17.59 17.20 -10.99
CA LYS A 319 -18.13 18.59 -10.89
C LYS A 319 -17.93 19.10 -9.46
N SER A 320 -16.98 20.01 -9.24
CA SER A 320 -16.71 20.69 -7.94
C SER A 320 -16.10 19.72 -6.92
N CYS A 321 -16.17 18.40 -7.19
CA CYS A 321 -15.64 17.32 -6.33
C CYS A 321 -14.94 16.27 -7.19
N GLY A 322 -13.75 15.84 -6.79
CA GLY A 322 -12.96 14.81 -7.50
C GLY A 322 -11.98 14.13 -6.57
N TYR A 323 -11.57 12.90 -6.92
CA TYR A 323 -10.52 12.15 -6.19
C TYR A 323 -9.32 11.93 -7.12
N SER A 324 -8.12 11.84 -6.54
CA SER A 324 -6.86 11.45 -7.22
C SER A 324 -6.04 10.55 -6.28
N VAL A 325 -6.02 9.25 -6.57
CA VAL A 325 -5.26 8.23 -5.79
C VAL A 325 -4.20 7.61 -6.72
N ARG A 326 -3.46 6.62 -6.23
CA ARG A 326 -2.46 5.88 -7.04
C ARG A 326 -3.22 5.04 -8.08
N PHE A 327 -3.04 5.38 -9.36
CA PHE A 327 -3.51 4.62 -10.55
C PHE A 327 -5.02 4.79 -10.77
N GLU A 328 -5.64 5.86 -10.23
CA GLU A 328 -7.08 6.17 -10.43
C GLU A 328 -7.34 7.64 -10.10
N SER A 329 -8.16 8.31 -10.92
CA SER A 329 -8.53 9.73 -10.75
C SER A 329 -9.82 10.04 -11.53
N ILE A 330 -10.71 10.81 -10.91
CA ILE A 330 -11.79 11.58 -11.59
C ILE A 330 -11.57 13.06 -11.22
N LEU A 331 -10.88 13.80 -12.08
CA LEU A 331 -10.51 15.22 -11.84
C LEU A 331 -11.79 16.05 -11.76
N PRO A 332 -11.87 17.03 -10.84
CA PRO A 332 -13.00 17.95 -10.80
C PRO A 332 -12.82 19.09 -11.81
N ARG A 333 -13.80 20.00 -11.88
CA ARG A 333 -13.81 21.15 -12.82
C ARG A 333 -12.71 22.14 -12.42
N PRO A 334 -12.27 23.05 -13.33
CA PRO A 334 -11.12 23.91 -13.06
C PRO A 334 -11.27 24.94 -11.94
N HIS A 335 -12.50 25.32 -11.56
CA HIS A 335 -12.78 26.43 -10.60
C HIS A 335 -13.81 26.00 -9.55
N ALA A 336 -13.72 26.58 -8.35
CA ALA A 336 -14.64 26.35 -7.21
C ALA A 336 -14.72 24.84 -6.94
N SER A 337 -13.57 24.20 -6.80
CA SER A 337 -13.41 22.71 -6.83
C SER A 337 -12.71 22.22 -5.57
N ILE A 338 -13.03 20.99 -5.14
CA ILE A 338 -12.37 20.25 -4.04
C ILE A 338 -11.78 18.96 -4.63
N MET A 339 -10.46 18.79 -4.50
CA MET A 339 -9.73 17.58 -4.94
C MET A 339 -9.33 16.76 -3.70
N PHE A 340 -10.04 15.67 -3.43
CA PHE A 340 -9.68 14.67 -2.39
C PHE A 340 -8.58 13.77 -2.98
N CYS A 341 -7.53 13.48 -2.22
CA CYS A 341 -6.35 12.72 -2.69
C CYS A 341 -5.58 12.10 -1.52
N THR A 342 -4.79 11.06 -1.81
CA THR A 342 -3.73 10.52 -0.92
C THR A 342 -2.50 11.43 -1.04
N VAL A 343 -1.72 11.55 0.05
CA VAL A 343 -0.56 12.47 0.16
C VAL A 343 0.47 12.12 -0.92
N GLY A 344 0.67 10.82 -1.17
CA GLY A 344 1.59 10.30 -2.19
C GLY A 344 1.37 10.94 -3.55
N VAL A 345 0.11 10.96 -4.01
CA VAL A 345 -0.30 11.60 -5.29
C VAL A 345 0.15 13.06 -5.29
N LEU A 346 -0.23 13.81 -4.25
CA LEU A 346 0.03 15.26 -4.10
C LEU A 346 1.54 15.53 -4.24
N LEU A 347 2.37 14.78 -3.51
CA LEU A 347 3.86 14.95 -3.51
C LEU A 347 4.42 14.74 -4.92
N ARG A 348 3.92 13.74 -5.65
CA ARG A 348 4.37 13.41 -7.03
C ARG A 348 3.96 14.52 -8.01
N LYS A 349 2.92 15.30 -7.69
CA LYS A 349 2.39 16.40 -8.54
C LYS A 349 3.00 17.76 -8.14
N LEU A 350 3.87 17.79 -7.11
CA LEU A 350 4.48 19.04 -6.57
C LEU A 350 5.80 19.39 -7.29
N GLU A 351 6.23 18.59 -8.27
CA GLU A 351 7.42 18.88 -9.13
C GLU A 351 7.33 20.32 -9.64
N ALA A 352 6.16 20.72 -10.14
CA ALA A 352 5.87 22.07 -10.68
C ALA A 352 5.56 23.05 -9.53
N GLY A 353 5.02 22.54 -8.43
CA GLY A 353 4.66 23.32 -7.22
C GLY A 353 3.15 23.37 -7.01
N ILE A 354 2.70 23.95 -5.90
CA ILE A 354 1.26 24.10 -5.54
C ILE A 354 0.71 25.30 -6.32
N ARG A 355 0.31 25.06 -7.57
CA ARG A 355 -0.13 26.11 -8.54
C ARG A 355 -1.66 26.12 -8.64
N GLY A 356 -2.29 27.22 -8.23
CA GLY A 356 -3.73 27.49 -8.42
C GLY A 356 -4.58 26.90 -7.30
N ILE A 357 -4.07 26.88 -6.08
CA ILE A 357 -4.75 26.33 -4.86
C ILE A 357 -4.79 27.44 -3.79
N SER A 358 -5.94 27.61 -3.14
CA SER A 358 -6.20 28.64 -2.10
C SER A 358 -6.11 28.03 -0.70
N HIS A 359 -6.63 26.81 -0.52
CA HIS A 359 -6.70 26.07 0.77
C HIS A 359 -6.12 24.66 0.61
N VAL A 360 -5.28 24.23 1.55
CA VAL A 360 -4.77 22.83 1.65
C VAL A 360 -5.26 22.26 2.98
N ILE A 361 -6.25 21.37 2.96
CA ILE A 361 -6.83 20.71 4.16
C ILE A 361 -6.11 19.36 4.36
N VAL A 362 -5.43 19.19 5.50
CA VAL A 362 -4.74 17.92 5.87
C VAL A 362 -5.59 17.21 6.92
N ASP A 363 -6.29 16.15 6.52
CA ASP A 363 -7.32 15.46 7.33
C ASP A 363 -6.68 14.30 8.10
N GLU A 364 -7.22 14.00 9.29
CA GLU A 364 -6.89 12.80 10.12
C GLU A 364 -5.40 12.80 10.47
N ILE A 365 -4.86 13.94 10.91
CA ILE A 365 -3.42 14.12 11.24
C ILE A 365 -3.05 13.26 12.47
N HIS A 366 -4.02 13.01 13.35
CA HIS A 366 -3.87 12.23 14.61
C HIS A 366 -3.43 10.79 14.32
N GLU A 367 -3.74 10.26 13.14
CA GLU A 367 -3.42 8.86 12.72
C GLU A 367 -1.90 8.72 12.49
N ARG A 368 -1.21 9.84 12.22
CA ARG A 368 0.27 9.91 12.09
C ARG A 368 0.75 9.01 10.95
N ASP A 369 0.08 9.07 9.79
CA ASP A 369 0.56 8.47 8.52
C ASP A 369 1.90 9.13 8.16
N ILE A 370 2.90 8.35 7.76
CA ILE A 370 4.29 8.84 7.55
C ILE A 370 4.30 9.93 6.45
N ASN A 371 3.52 9.74 5.38
CA ASN A 371 3.45 10.71 4.25
C ASN A 371 2.81 12.01 4.73
N THR A 372 1.84 11.93 5.65
CA THR A 372 1.16 13.10 6.27
C THR A 372 2.18 13.90 7.08
N ASP A 373 2.91 13.24 7.99
CA ASP A 373 4.01 13.83 8.81
C ASP A 373 4.99 14.57 7.89
N PHE A 374 5.40 13.93 6.79
CA PHE A 374 6.37 14.46 5.80
C PHE A 374 5.82 15.74 5.16
N LEU A 375 4.55 15.71 4.71
CA LEU A 375 3.86 16.85 4.05
C LEU A 375 3.82 18.05 5.00
N LEU A 376 3.56 17.82 6.30
CA LEU A 376 3.48 18.90 7.32
C LEU A 376 4.82 19.65 7.39
N VAL A 377 5.94 18.95 7.12
CA VAL A 377 7.30 19.57 7.05
C VAL A 377 7.34 20.50 5.84
N VAL A 378 6.89 20.00 4.68
CA VAL A 378 6.87 20.75 3.38
C VAL A 378 6.00 21.99 3.54
N LEU A 379 4.78 21.83 4.07
CA LEU A 379 3.74 22.88 4.13
C LEU A 379 4.13 23.99 5.11
N ARG A 380 4.80 23.66 6.22
CA ARG A 380 5.30 24.66 7.20
C ARG A 380 6.30 25.60 6.51
N ASP A 381 7.14 25.07 5.62
CA ASP A 381 8.09 25.87 4.80
C ASP A 381 7.31 26.75 3.83
N VAL A 382 6.23 26.20 3.24
CA VAL A 382 5.32 26.92 2.29
C VAL A 382 4.60 28.05 3.03
N VAL A 383 4.07 27.77 4.22
CA VAL A 383 3.35 28.75 5.09
C VAL A 383 4.27 29.96 5.36
N GLN A 384 5.55 29.71 5.62
CA GLN A 384 6.53 30.74 6.07
C GLN A 384 6.88 31.67 4.90
N ALA A 385 7.14 31.10 3.71
CA ALA A 385 7.57 31.83 2.50
C ALA A 385 6.37 32.53 1.83
N TYR A 386 5.18 31.91 1.89
CA TYR A 386 3.94 32.39 1.24
C TYR A 386 2.81 32.41 2.26
N PRO A 387 2.72 33.43 3.15
CA PRO A 387 1.76 33.43 4.25
C PRO A 387 0.29 33.59 3.85
N GLU A 388 0.00 33.83 2.57
CA GLU A 388 -1.38 34.05 2.05
C GLU A 388 -2.09 32.70 1.88
N VAL A 389 -1.33 31.63 1.61
CA VAL A 389 -1.87 30.23 1.51
C VAL A 389 -2.61 29.91 2.82
N ARG A 390 -3.57 29.00 2.79
CA ARG A 390 -4.40 28.64 3.96
C ARG A 390 -4.33 27.13 4.20
N ILE A 391 -3.54 26.71 5.19
CA ILE A 391 -3.45 25.31 5.66
C ILE A 391 -4.54 25.10 6.73
N VAL A 392 -5.20 23.95 6.71
CA VAL A 392 -6.27 23.56 7.69
C VAL A 392 -6.00 22.14 8.15
N LEU A 393 -5.51 21.97 9.38
CA LEU A 393 -5.27 20.64 9.99
C LEU A 393 -6.53 20.23 10.75
N MET A 394 -7.00 19.00 10.55
CA MET A 394 -8.22 18.46 11.21
C MET A 394 -7.84 17.17 11.93
N SER A 395 -8.18 17.08 13.22
CA SER A 395 -7.73 16.02 14.16
C SER A 395 -8.90 15.53 15.02
N ALA A 396 -8.85 14.26 15.42
CA ALA A 396 -9.74 13.65 16.45
C ALA A 396 -9.40 14.25 17.82
N THR A 397 -10.05 13.78 18.88
CA THR A 397 -9.87 14.26 20.27
C THR A 397 -8.56 13.71 20.82
N ILE A 398 -7.43 14.36 20.48
CA ILE A 398 -6.07 14.07 21.02
C ILE A 398 -5.42 15.40 21.42
N ASP A 399 -4.27 15.33 22.12
CA ASP A 399 -3.41 16.50 22.42
C ASP A 399 -2.80 16.97 21.10
N THR A 400 -3.10 18.21 20.70
CA THR A 400 -2.67 18.83 19.42
C THR A 400 -1.68 19.98 19.69
N SER A 401 -1.09 20.02 20.89
CA SER A 401 -0.05 21.02 21.29
C SER A 401 1.19 20.84 20.41
N MET A 402 1.59 19.58 20.16
CA MET A 402 2.74 19.20 19.30
C MET A 402 2.61 19.87 17.93
N PHE A 403 1.42 19.79 17.31
CA PHE A 403 1.10 20.36 15.98
C PHE A 403 0.95 21.87 16.07
N CYS A 404 0.31 22.35 17.15
CA CYS A 404 0.08 23.79 17.44
C CYS A 404 1.43 24.52 17.52
N GLU A 405 2.34 24.04 18.36
CA GLU A 405 3.71 24.60 18.56
C GLU A 405 4.48 24.56 17.25
N TYR A 406 4.40 23.42 16.53
CA TYR A 406 5.10 23.18 15.24
C TYR A 406 4.73 24.29 14.25
N PHE A 407 3.45 24.67 14.18
CA PHE A 407 2.89 25.66 13.22
C PHE A 407 2.69 27.02 13.90
N PHE A 408 3.64 27.43 14.75
CA PHE A 408 3.79 28.80 15.31
C PHE A 408 2.59 29.19 16.18
N ASN A 409 2.14 28.27 17.05
CA ASN A 409 1.00 28.48 17.99
C ASN A 409 -0.20 29.02 17.21
N CYS A 410 -0.79 28.17 16.37
CA CYS A 410 -1.99 28.48 15.54
C CYS A 410 -3.26 28.24 16.36
N PRO A 411 -4.39 28.93 16.04
CA PRO A 411 -5.63 28.73 16.79
C PRO A 411 -6.18 27.30 16.65
N ILE A 412 -6.85 26.81 17.69
CA ILE A 412 -7.43 25.44 17.78
C ILE A 412 -8.95 25.55 17.98
N ILE A 413 -9.73 25.38 16.91
CA ILE A 413 -11.21 25.48 16.92
C ILE A 413 -11.78 24.16 17.48
N GLU A 414 -12.36 24.22 18.69
CA GLU A 414 -12.94 23.05 19.40
C GLU A 414 -14.35 22.76 18.87
N VAL A 415 -14.58 21.53 18.42
CA VAL A 415 -15.88 21.05 17.85
C VAL A 415 -16.36 19.87 18.72
N TYR A 416 -17.67 19.77 18.95
CA TYR A 416 -18.29 18.79 19.87
C TYR A 416 -19.82 18.77 19.70
N GLY A 417 -20.41 17.58 19.82
CA GLY A 417 -21.88 17.37 19.89
C GLY A 417 -22.25 16.59 21.14
N ARG A 418 -23.49 16.12 21.22
CA ARG A 418 -23.97 15.26 22.34
C ARG A 418 -23.38 13.86 22.18
N THR A 419 -22.70 13.36 23.22
CA THR A 419 -22.25 11.96 23.37
C THR A 419 -22.79 11.41 24.70
N TYR A 420 -22.96 10.10 24.78
CA TYR A 420 -23.57 9.38 25.93
C TYR A 420 -22.49 8.59 26.65
N PRO A 421 -22.54 8.46 28.00
CA PRO A 421 -21.57 7.64 28.73
C PRO A 421 -21.74 6.16 28.35
N VAL A 422 -20.63 5.52 27.96
CA VAL A 422 -20.58 4.09 27.51
C VAL A 422 -20.05 3.23 28.65
N GLN A 423 -20.86 2.28 29.13
CA GLN A 423 -20.46 1.26 30.15
C GLN A 423 -19.42 0.34 29.51
N GLU A 424 -18.16 0.47 29.93
CA GLU A 424 -16.98 -0.23 29.35
C GLU A 424 -16.73 -1.51 30.15
N TYR A 425 -16.60 -2.66 29.45
CA TYR A 425 -16.35 -4.00 30.03
C TYR A 425 -15.00 -4.54 29.53
N PHE A 426 -14.35 -5.37 30.33
CA PHE A 426 -13.08 -6.08 30.01
C PHE A 426 -13.32 -7.59 30.01
N LEU A 427 -12.35 -8.37 29.51
CA LEU A 427 -12.47 -9.82 29.21
C LEU A 427 -13.10 -10.57 30.41
N GLU A 428 -12.81 -10.17 31.64
CA GLU A 428 -13.38 -10.75 32.88
C GLU A 428 -14.91 -10.61 32.87
N ASP A 429 -15.40 -9.40 32.61
CA ASP A 429 -16.86 -9.06 32.58
C ASP A 429 -17.53 -9.87 31.45
N CYS A 430 -16.88 -9.96 30.29
CA CYS A 430 -17.40 -10.63 29.06
C CYS A 430 -17.58 -12.14 29.30
N ILE A 431 -16.70 -12.77 30.07
CA ILE A 431 -16.73 -14.22 30.37
C ILE A 431 -17.81 -14.49 31.44
N GLN A 432 -18.01 -13.56 32.38
CA GLN A 432 -18.94 -13.72 33.53
C GLN A 432 -20.39 -13.48 33.09
N MET A 433 -20.63 -12.40 32.33
CA MET A 433 -21.98 -12.00 31.83
C MET A 433 -22.55 -13.08 30.91
N THR A 434 -21.69 -13.84 30.23
CA THR A 434 -22.05 -14.84 29.19
C THR A 434 -21.94 -16.27 29.75
N HIS A 435 -21.33 -16.44 30.92
CA HIS A 435 -21.09 -17.76 31.58
C HIS A 435 -20.26 -18.64 30.62
N PHE A 436 -19.30 -18.03 29.93
CA PHE A 436 -18.53 -18.63 28.81
C PHE A 436 -17.49 -19.62 29.36
N VAL A 437 -17.23 -20.67 28.58
CA VAL A 437 -16.15 -21.68 28.83
C VAL A 437 -15.42 -21.90 27.51
N PRO A 438 -14.10 -21.61 27.42
CA PRO A 438 -13.34 -21.83 26.19
C PRO A 438 -13.16 -23.32 25.87
N PRO A 439 -12.81 -23.69 24.61
CA PRO A 439 -12.53 -25.08 24.26
C PRO A 439 -11.29 -25.62 24.97
N PRO A 440 -11.03 -26.96 24.91
CA PRO A 440 -9.80 -27.52 25.46
C PRO A 440 -8.54 -27.00 24.73
N ALA A 458 4.19 -10.93 30.91
CA ALA A 458 3.84 -12.26 30.37
C ALA A 458 2.33 -12.34 30.11
N ASN A 459 1.76 -13.54 30.05
CA ASN A 459 0.30 -13.79 29.84
C ASN A 459 -0.50 -13.11 30.96
N CYS A 460 -1.33 -12.13 30.61
CA CYS A 460 -2.11 -11.28 31.55
C CYS A 460 -3.46 -11.91 31.88
N ASN A 461 -3.79 -13.05 31.24
CA ASN A 461 -5.03 -13.83 31.48
C ASN A 461 -4.88 -14.64 32.77
N LEU A 462 -3.64 -15.05 33.11
CA LEU A 462 -3.31 -15.79 34.35
C LEU A 462 -3.45 -14.85 35.56
N ILE A 463 -3.52 -13.54 35.31
CA ILE A 463 -3.80 -12.49 36.33
C ILE A 463 -5.27 -12.08 36.19
N CYS A 464 -6.02 -12.05 37.29
CA CYS A 464 -7.49 -11.77 37.32
C CYS A 464 -7.87 -11.12 38.65
N GLY A 465 -8.75 -10.10 38.59
CA GLY A 465 -9.29 -9.39 39.77
C GLY A 465 -9.97 -10.34 40.73
N ASP A 466 -9.78 -10.15 42.04
CA ASP A 466 -10.23 -11.07 43.11
C ASP A 466 -11.71 -10.80 43.44
N GLU A 467 -12.31 -9.80 42.80
CA GLU A 467 -13.73 -9.37 43.02
C GLU A 467 -14.69 -10.18 42.14
N TYR A 468 -14.17 -10.95 41.18
CA TYR A 468 -14.95 -11.77 40.21
C TYR A 468 -15.03 -13.22 40.70
N GLY A 469 -15.91 -14.00 40.07
CA GLY A 469 -16.21 -15.40 40.45
C GLY A 469 -15.03 -16.34 40.20
N PRO A 470 -14.97 -17.50 40.91
CA PRO A 470 -13.88 -18.46 40.71
C PRO A 470 -13.73 -19.03 39.29
N GLU A 471 -14.86 -19.36 38.64
CA GLU A 471 -14.88 -19.98 37.28
C GLU A 471 -14.43 -18.95 36.24
N THR A 472 -14.81 -17.67 36.42
CA THR A 472 -14.40 -16.52 35.56
C THR A 472 -12.88 -16.48 35.47
N ARG A 473 -12.19 -16.72 36.58
CA ARG A 473 -10.72 -16.81 36.70
C ARG A 473 -10.21 -18.01 35.89
N LEU A 474 -10.77 -19.20 36.14
CA LEU A 474 -10.34 -20.50 35.58
C LEU A 474 -10.57 -20.53 34.07
N SER A 475 -11.69 -19.97 33.61
CA SER A 475 -12.07 -19.89 32.16
C SER A 475 -11.04 -19.04 31.41
N MET A 476 -10.88 -17.78 31.82
CA MET A 476 -10.01 -16.76 31.15
C MET A 476 -8.60 -17.34 30.95
N SER A 477 -8.09 -18.06 31.95
CA SER A 477 -6.73 -18.67 31.99
C SER A 477 -6.42 -19.44 30.70
N GLN A 478 -7.43 -20.13 30.15
CA GLN A 478 -7.26 -21.09 29.01
C GLN A 478 -7.24 -20.36 27.66
N LEU A 479 -7.50 -19.05 27.64
CA LEU A 479 -7.50 -18.21 26.42
C LEU A 479 -6.07 -17.72 26.13
N ASN A 480 -5.54 -18.03 24.95
CA ASN A 480 -4.24 -17.52 24.44
C ASN A 480 -4.45 -16.08 23.95
N GLU A 481 -3.76 -15.12 24.56
CA GLU A 481 -3.91 -13.66 24.28
C GLU A 481 -3.41 -13.32 22.87
N LYS A 482 -2.60 -14.19 22.26
CA LYS A 482 -2.10 -14.06 20.87
C LYS A 482 -3.11 -14.66 19.87
N GLU A 483 -4.36 -14.84 20.31
CA GLU A 483 -5.54 -15.15 19.46
C GLU A 483 -6.66 -14.16 19.79
N THR A 484 -7.66 -14.05 18.90
CA THR A 484 -8.93 -13.33 19.14
C THR A 484 -9.97 -14.34 19.61
N PRO A 485 -10.75 -14.05 20.68
CA PRO A 485 -11.72 -15.01 21.21
C PRO A 485 -13.02 -15.04 20.38
N PHE A 486 -12.99 -15.77 19.26
CA PHE A 486 -14.07 -15.85 18.23
C PHE A 486 -15.38 -16.32 18.88
N GLU A 487 -15.32 -17.42 19.65
CA GLU A 487 -16.50 -18.08 20.27
C GLU A 487 -17.16 -17.14 21.29
N LEU A 488 -16.37 -16.28 21.96
CA LEU A 488 -16.89 -15.33 22.98
C LEU A 488 -17.66 -14.20 22.30
N ILE A 489 -17.17 -13.71 21.14
CA ILE A 489 -17.83 -12.65 20.34
C ILE A 489 -19.22 -13.16 19.91
N GLU A 490 -19.29 -14.42 19.47
CA GLU A 490 -20.54 -15.13 19.11
C GLU A 490 -21.49 -15.16 20.32
N ALA A 491 -20.95 -15.39 21.53
CA ALA A 491 -21.71 -15.46 22.80
C ALA A 491 -22.06 -14.05 23.29
N LEU A 492 -21.22 -13.06 23.00
CA LEU A 492 -21.44 -11.63 23.35
C LEU A 492 -22.60 -11.06 22.51
N LEU A 493 -22.68 -11.45 21.22
CA LEU A 493 -23.77 -11.05 20.29
C LEU A 493 -25.12 -11.53 20.85
N LYS A 494 -25.15 -12.76 21.41
CA LYS A 494 -26.36 -13.38 22.00
C LYS A 494 -26.79 -12.59 23.25
N TYR A 495 -25.84 -12.16 24.09
CA TYR A 495 -26.09 -11.36 25.31
C TYR A 495 -26.70 -10.00 24.92
N ILE A 496 -26.23 -9.39 23.83
CA ILE A 496 -26.69 -8.05 23.33
C ILE A 496 -28.18 -8.12 23.01
N GLU A 497 -28.68 -9.28 22.54
CA GLU A 497 -30.11 -9.52 22.22
C GLU A 497 -30.94 -9.47 23.52
N THR A 498 -30.45 -10.09 24.60
CA THR A 498 -31.16 -10.26 25.90
C THR A 498 -31.41 -8.88 26.54
N LEU A 499 -30.55 -7.90 26.27
CA LEU A 499 -30.67 -6.51 26.79
C LEU A 499 -31.88 -5.83 26.13
N ASN A 500 -32.23 -6.23 24.90
CA ASN A 500 -33.45 -5.81 24.16
C ASN A 500 -33.49 -4.27 24.06
N VAL A 501 -32.49 -3.68 23.39
CA VAL A 501 -32.48 -2.25 22.99
C VAL A 501 -31.88 -2.17 21.58
N PRO A 502 -32.72 -2.11 20.52
CA PRO A 502 -32.23 -2.11 19.13
C PRO A 502 -31.03 -1.20 18.87
N GLY A 503 -30.03 -1.72 18.15
CA GLY A 503 -28.77 -1.02 17.82
C GLY A 503 -27.80 -1.95 17.11
N ALA A 504 -26.90 -1.37 16.28
CA ALA A 504 -25.89 -2.10 15.49
C ALA A 504 -24.69 -2.45 16.39
N VAL A 505 -24.05 -3.59 16.14
CA VAL A 505 -22.83 -4.06 16.85
C VAL A 505 -21.62 -3.87 15.92
N LEU A 506 -20.73 -2.94 16.27
CA LEU A 506 -19.45 -2.69 15.56
C LEU A 506 -18.34 -3.52 16.23
N VAL A 507 -17.86 -4.57 15.55
CA VAL A 507 -16.74 -5.44 16.03
C VAL A 507 -15.44 -4.94 15.37
N PHE A 508 -14.43 -4.63 16.19
CA PHE A 508 -13.07 -4.22 15.76
C PHE A 508 -12.14 -5.44 15.75
N LEU A 509 -11.70 -5.85 14.55
CA LEU A 509 -10.74 -6.96 14.33
C LEU A 509 -9.56 -6.43 13.50
N PRO A 510 -8.36 -7.04 13.62
CA PRO A 510 -7.21 -6.67 12.78
C PRO A 510 -7.12 -7.46 11.47
N GLY A 511 -7.32 -6.78 10.34
CA GLY A 511 -6.97 -7.28 8.99
C GLY A 511 -8.06 -8.10 8.34
N TRP A 512 -7.91 -8.32 7.03
CA TRP A 512 -8.82 -9.12 6.15
C TRP A 512 -9.07 -10.51 6.73
N ASN A 513 -8.00 -11.13 7.28
CA ASN A 513 -7.93 -12.58 7.61
C ASN A 513 -8.92 -12.93 8.72
N LEU A 514 -8.92 -12.17 9.83
CA LEU A 514 -9.72 -12.50 11.05
C LEU A 514 -11.19 -12.09 10.87
N ILE A 515 -11.48 -11.15 9.97
CA ILE A 515 -12.87 -10.69 9.65
C ILE A 515 -13.57 -11.78 8.83
N TYR A 516 -12.90 -12.33 7.82
CA TYR A 516 -13.42 -13.40 6.93
C TYR A 516 -13.57 -14.70 7.72
N THR A 517 -12.71 -14.91 8.74
CA THR A 517 -12.76 -16.06 9.68
C THR A 517 -13.99 -15.92 10.59
N MET A 518 -14.26 -14.72 11.10
CA MET A 518 -15.39 -14.43 12.02
C MET A 518 -16.71 -14.57 11.27
N GLN A 519 -16.74 -14.18 9.99
CA GLN A 519 -17.96 -14.18 9.14
C GLN A 519 -18.46 -15.60 8.95
N LYS A 520 -17.65 -16.49 8.36
CA LYS A 520 -17.99 -17.92 8.08
C LYS A 520 -18.31 -18.65 9.38
N HIS A 521 -17.59 -18.34 10.47
CA HIS A 521 -17.81 -18.92 11.82
C HIS A 521 -19.27 -18.69 12.25
N LEU A 522 -19.77 -17.47 12.07
CA LEU A 522 -21.15 -17.06 12.46
C LEU A 522 -22.18 -17.70 11.52
N GLU A 523 -22.01 -17.55 10.20
CA GLU A 523 -23.01 -17.95 9.18
C GLU A 523 -23.20 -19.47 9.17
N MET A 524 -22.21 -20.23 9.66
CA MET A 524 -22.29 -21.72 9.79
C MET A 524 -23.25 -22.09 10.93
N ASN A 525 -23.51 -21.16 11.86
CA ASN A 525 -24.63 -21.25 12.84
C ASN A 525 -25.87 -20.64 12.19
N PRO A 526 -26.95 -21.44 11.95
CA PRO A 526 -28.17 -20.92 11.32
C PRO A 526 -28.78 -19.70 12.03
N HIS A 527 -28.65 -19.62 13.36
CA HIS A 527 -29.18 -18.52 14.22
C HIS A 527 -28.78 -17.15 13.67
N PHE A 528 -27.54 -17.04 13.15
CA PHE A 528 -26.97 -15.79 12.57
C PHE A 528 -27.22 -15.76 11.05
N GLY A 529 -28.47 -16.03 10.64
CA GLY A 529 -28.93 -15.96 9.24
C GLY A 529 -29.63 -14.64 8.95
N SER A 530 -30.06 -14.45 7.69
CA SER A 530 -30.71 -13.20 7.19
C SER A 530 -31.93 -12.84 8.04
N HIS A 531 -32.62 -13.84 8.61
CA HIS A 531 -33.85 -13.70 9.43
C HIS A 531 -33.60 -12.75 10.61
N ARG A 532 -32.51 -12.95 11.36
CA ARG A 532 -32.20 -12.24 12.63
C ARG A 532 -31.03 -11.26 12.43
N TYR A 533 -30.03 -11.61 11.60
CA TYR A 533 -28.71 -10.91 11.55
C TYR A 533 -28.39 -10.46 10.12
N GLN A 534 -27.64 -9.36 10.01
CA GLN A 534 -27.05 -8.81 8.76
C GLN A 534 -25.57 -8.48 9.04
N ILE A 535 -24.65 -9.35 8.59
CA ILE A 535 -23.19 -9.30 8.92
C ILE A 535 -22.43 -8.73 7.72
N LEU A 536 -22.01 -7.46 7.82
CA LEU A 536 -21.33 -6.70 6.73
C LEU A 536 -19.85 -6.54 7.07
N PRO A 537 -18.92 -7.08 6.25
CA PRO A 537 -17.49 -6.85 6.45
C PRO A 537 -17.08 -5.45 5.96
N LEU A 538 -16.16 -4.79 6.68
CA LEU A 538 -15.67 -3.42 6.38
C LEU A 538 -14.14 -3.35 6.51
N HIS A 539 -13.44 -3.47 5.38
CA HIS A 539 -11.98 -3.22 5.24
C HIS A 539 -11.73 -2.49 3.91
N SER A 540 -10.46 -2.18 3.61
CA SER A 540 -10.05 -1.36 2.44
C SER A 540 -10.31 -2.10 1.12
N GLN A 541 -10.16 -3.44 1.13
CA GLN A 541 -10.10 -4.28 -0.10
C GLN A 541 -11.51 -4.70 -0.56
N ILE A 542 -12.57 -4.29 0.15
CA ILE A 542 -13.99 -4.55 -0.25
C ILE A 542 -14.32 -3.67 -1.45
N PRO A 543 -15.30 -4.09 -2.30
CA PRO A 543 -15.85 -3.20 -3.33
C PRO A 543 -16.67 -2.08 -2.67
N ARG A 544 -16.77 -0.92 -3.34
CA ARG A 544 -17.47 0.28 -2.81
C ARG A 544 -18.99 0.04 -2.80
N GLU A 545 -19.46 -0.97 -3.55
CA GLU A 545 -20.87 -1.45 -3.54
C GLU A 545 -21.24 -1.89 -2.11
N GLU A 546 -20.35 -2.65 -1.46
CA GLU A 546 -20.59 -3.32 -0.15
C GLU A 546 -20.20 -2.40 1.01
N GLN A 547 -19.28 -1.46 0.78
CA GLN A 547 -18.73 -0.56 1.84
C GLN A 547 -19.81 0.45 2.26
N ARG A 548 -20.73 0.79 1.34
CA ARG A 548 -21.82 1.78 1.58
C ARG A 548 -23.00 1.12 2.29
N LYS A 549 -23.06 -0.22 2.31
CA LYS A 549 -24.19 -1.00 2.90
C LYS A 549 -24.16 -0.94 4.43
N VAL A 550 -23.05 -0.52 5.03
CA VAL A 550 -22.89 -0.39 6.51
C VAL A 550 -23.73 0.80 6.99
N PHE A 551 -23.90 1.82 6.15
CA PHE A 551 -24.63 3.09 6.46
C PHE A 551 -26.14 2.91 6.27
N ASP A 552 -26.55 1.91 5.49
CA ASP A 552 -27.97 1.58 5.21
C ASP A 552 -28.67 1.17 6.50
N PRO A 553 -29.88 1.70 6.80
CA PRO A 553 -30.73 1.13 7.84
C PRO A 553 -31.15 -0.30 7.47
N VAL A 554 -31.39 -1.16 8.46
CA VAL A 554 -31.78 -2.59 8.28
C VAL A 554 -33.25 -2.76 8.62
N PRO A 555 -33.94 -3.80 8.09
CA PRO A 555 -35.32 -4.09 8.46
C PRO A 555 -35.49 -4.27 9.98
N VAL A 556 -36.66 -3.89 10.51
CA VAL A 556 -36.97 -3.89 11.98
C VAL A 556 -36.91 -5.34 12.48
N GLY A 557 -36.37 -5.54 13.69
CA GLY A 557 -36.22 -6.88 14.32
C GLY A 557 -34.98 -7.61 13.82
N VAL A 558 -34.05 -6.90 13.18
CA VAL A 558 -32.77 -7.46 12.63
C VAL A 558 -31.60 -6.61 13.18
N THR A 559 -30.53 -7.28 13.64
CA THR A 559 -29.30 -6.65 14.17
C THR A 559 -28.27 -6.53 13.04
N LYS A 560 -27.68 -5.33 12.87
CA LYS A 560 -26.57 -5.05 11.93
C LYS A 560 -25.24 -5.21 12.66
N VAL A 561 -24.45 -6.22 12.32
CA VAL A 561 -23.09 -6.47 12.90
C VAL A 561 -22.04 -6.06 11.85
N ILE A 562 -21.23 -5.05 12.18
CA ILE A 562 -20.11 -4.56 11.32
C ILE A 562 -18.80 -5.18 11.82
N LEU A 563 -18.27 -6.15 11.07
CA LEU A 563 -16.91 -6.73 11.28
C LEU A 563 -15.90 -5.85 10.53
N SER A 564 -15.29 -4.90 11.24
CA SER A 564 -14.51 -3.78 10.66
C SER A 564 -13.07 -3.76 11.18
N THR A 565 -12.19 -3.04 10.48
CA THR A 565 -10.78 -2.77 10.87
C THR A 565 -10.75 -1.43 11.62
N ASN A 566 -9.56 -0.84 11.78
CA ASN A 566 -9.33 0.46 12.46
C ASN A 566 -9.90 1.62 11.61
N ILE A 567 -10.40 1.33 10.40
CA ILE A 567 -11.05 2.31 9.49
C ILE A 567 -12.26 2.94 10.20
N ALA A 568 -12.97 2.17 11.03
CA ALA A 568 -14.21 2.59 11.73
C ALA A 568 -13.88 3.23 13.08
N GLU A 569 -12.59 3.52 13.35
CA GLU A 569 -12.10 4.09 14.63
C GLU A 569 -12.24 5.62 14.59
N THR A 570 -11.71 6.27 13.54
CA THR A 570 -11.68 7.75 13.40
C THR A 570 -11.97 8.20 11.95
N SER A 571 -11.80 7.36 10.94
CA SER A 571 -11.92 7.74 9.50
C SER A 571 -13.39 7.93 9.12
N ILE A 572 -14.26 6.99 9.50
CA ILE A 572 -15.71 7.01 9.16
C ILE A 572 -16.53 6.65 10.41
N THR A 573 -17.70 7.29 10.56
CA THR A 573 -18.69 7.03 11.65
C THR A 573 -19.90 6.30 11.07
N ILE A 574 -20.31 5.21 11.70
CA ILE A 574 -21.53 4.43 11.32
C ILE A 574 -22.66 4.84 12.26
N ASN A 575 -23.89 4.91 11.74
CA ASN A 575 -25.10 5.39 12.47
C ASN A 575 -25.85 4.19 13.04
N ASP A 576 -26.49 4.37 14.20
CA ASP A 576 -27.26 3.33 14.94
C ASP A 576 -26.30 2.35 15.62
N VAL A 577 -25.08 2.80 15.94
CA VAL A 577 -24.06 1.99 16.68
C VAL A 577 -24.23 2.24 18.19
N VAL A 578 -24.78 1.27 18.91
CA VAL A 578 -24.99 1.28 20.38
C VAL A 578 -23.97 0.35 21.05
N TYR A 579 -23.51 -0.68 20.34
CA TYR A 579 -22.65 -1.78 20.87
C TYR A 579 -21.33 -1.84 20.09
N VAL A 580 -20.23 -2.03 20.81
CA VAL A 580 -18.86 -2.23 20.26
C VAL A 580 -18.21 -3.42 20.96
N ILE A 581 -17.61 -4.33 20.19
CA ILE A 581 -16.75 -5.45 20.69
C ILE A 581 -15.32 -5.22 20.18
N ASP A 582 -14.45 -4.72 21.06
CA ASP A 582 -13.04 -4.35 20.74
C ASP A 582 -12.13 -5.55 21.07
N SER A 583 -11.49 -6.12 20.04
CA SER A 583 -10.46 -7.19 20.18
C SER A 583 -9.22 -6.65 20.90
N CYS A 584 -8.99 -5.33 20.80
CA CYS A 584 -7.87 -4.58 21.42
C CYS A 584 -6.55 -4.89 20.70
N LYS A 585 -6.62 -5.06 19.37
CA LYS A 585 -5.47 -5.44 18.50
C LYS A 585 -5.36 -4.49 17.31
N GLN A 586 -4.13 -4.32 16.80
CA GLN A 586 -3.80 -3.55 15.57
C GLN A 586 -2.98 -4.45 14.64
N LYS A 587 -3.16 -4.32 13.32
CA LYS A 587 -2.29 -4.95 12.30
C LYS A 587 -1.39 -3.87 11.69
N VAL A 588 -0.07 -4.00 11.88
CA VAL A 588 0.95 -3.00 11.45
C VAL A 588 1.94 -3.68 10.49
N LYS A 589 2.49 -2.92 9.55
CA LYS A 589 3.51 -3.36 8.57
C LYS A 589 4.88 -3.07 9.15
N LEU A 590 5.42 -3.99 9.96
CA LEU A 590 6.79 -3.90 10.56
C LEU A 590 7.79 -4.55 9.59
N PHE A 591 8.78 -3.77 9.13
CA PHE A 591 9.85 -4.22 8.21
C PHE A 591 11.19 -4.20 8.96
N THR A 592 11.97 -5.27 8.83
CA THR A 592 13.37 -5.39 9.32
C THR A 592 14.28 -5.65 8.12
N ALA A 593 15.16 -4.70 7.80
CA ALA A 593 15.95 -4.65 6.54
C ALA A 593 17.14 -5.61 6.60
N HIS A 594 17.58 -6.01 7.80
CA HIS A 594 18.79 -6.84 8.03
C HIS A 594 18.57 -8.26 7.48
N ASN A 595 17.35 -8.79 7.60
CA ASN A 595 16.95 -10.14 7.10
C ASN A 595 15.90 -10.03 5.99
N ASN A 596 15.21 -8.88 5.89
CA ASN A 596 14.23 -8.55 4.82
C ASN A 596 12.90 -9.24 5.11
N MET A 597 12.42 -9.16 6.35
CA MET A 597 11.16 -9.81 6.84
C MET A 597 10.05 -8.76 6.87
N THR A 598 8.98 -8.97 6.08
CA THR A 598 7.74 -8.17 6.09
C THR A 598 6.79 -8.76 7.14
N ASN A 599 6.89 -8.28 8.39
CA ASN A 599 6.14 -8.81 9.56
C ASN A 599 4.79 -8.11 9.66
N TYR A 600 3.74 -8.73 9.11
CA TYR A 600 2.31 -8.34 9.28
C TYR A 600 1.83 -8.88 10.62
N ALA A 601 2.30 -8.26 11.72
CA ALA A 601 2.11 -8.74 13.11
C ALA A 601 0.82 -8.16 13.70
N THR A 602 0.11 -8.97 14.49
CA THR A 602 -1.01 -8.53 15.35
C THR A 602 -0.43 -8.06 16.69
N VAL A 603 -0.48 -6.74 16.93
CA VAL A 603 0.13 -6.08 18.14
C VAL A 603 -1.00 -5.41 18.94
N TRP A 604 -0.71 -5.03 20.18
CA TRP A 604 -1.69 -4.45 21.14
C TRP A 604 -1.93 -2.97 20.81
N ALA A 605 -3.19 -2.54 20.87
CA ALA A 605 -3.64 -1.15 20.68
C ALA A 605 -3.38 -0.35 21.96
N SER A 606 -3.35 0.97 21.85
CA SER A 606 -3.07 1.93 22.95
C SER A 606 -4.34 2.23 23.75
N LYS A 607 -4.21 2.96 24.87
CA LYS A 607 -5.35 3.48 25.66
C LYS A 607 -6.18 4.44 24.78
N THR A 608 -5.49 5.24 23.95
CA THR A 608 -6.10 6.19 22.97
C THR A 608 -7.04 5.42 22.04
N ASN A 609 -6.57 4.29 21.48
CA ASN A 609 -7.35 3.42 20.58
C ASN A 609 -8.61 2.93 21.29
N LEU A 610 -8.44 2.29 22.46
CA LEU A 610 -9.53 1.73 23.30
C LEU A 610 -10.55 2.83 23.65
N GLU A 611 -10.07 4.06 23.90
CA GLU A 611 -10.92 5.23 24.29
C GLU A 611 -11.79 5.68 23.10
N GLN A 612 -11.23 5.65 21.89
CA GLN A 612 -11.89 6.14 20.65
C GLN A 612 -12.72 5.02 20.02
N ARG A 613 -12.34 3.75 20.24
CA ARG A 613 -13.14 2.56 19.84
C ARG A 613 -14.38 2.45 20.73
N LYS A 614 -14.25 2.81 22.00
CA LYS A 614 -15.35 2.89 23.00
C LYS A 614 -16.33 4.00 22.59
N GLY A 615 -15.81 5.15 22.15
CA GLY A 615 -16.58 6.35 21.79
C GLY A 615 -17.54 6.13 20.62
N ARG A 616 -17.33 5.07 19.84
CA ARG A 616 -18.17 4.68 18.66
C ARG A 616 -19.57 4.25 19.12
N ALA A 617 -19.70 3.78 20.37
CA ALA A 617 -20.95 3.21 20.94
C ALA A 617 -21.86 4.33 21.47
N GLY A 618 -21.30 5.51 21.76
CA GLY A 618 -22.00 6.61 22.45
C GLY A 618 -22.27 7.80 21.54
N ARG A 619 -22.91 7.56 20.39
CA ARG A 619 -23.35 8.63 19.43
C ARG A 619 -24.88 8.71 19.36
N VAL A 620 -25.59 7.60 19.64
CA VAL A 620 -27.08 7.48 19.45
C VAL A 620 -27.77 7.44 20.82
N ARG A 621 -27.28 6.59 21.74
CA ARG A 621 -27.84 6.42 23.11
C ARG A 621 -26.74 5.90 24.04
N PRO A 622 -26.97 5.80 25.37
CA PRO A 622 -26.01 5.20 26.28
C PRO A 622 -25.59 3.80 25.81
N GLY A 623 -24.33 3.66 25.37
CA GLY A 623 -23.83 2.47 24.67
C GLY A 623 -23.07 1.53 25.59
N PHE A 624 -22.48 0.48 25.01
CA PHE A 624 -21.67 -0.55 25.71
C PHE A 624 -20.46 -0.92 24.83
N CYS A 625 -19.27 -1.01 25.44
CA CYS A 625 -18.01 -1.44 24.79
C CYS A 625 -17.47 -2.68 25.51
N PHE A 626 -17.22 -3.75 24.74
CA PHE A 626 -16.69 -5.05 25.23
C PHE A 626 -15.23 -5.20 24.76
N HIS A 627 -14.28 -4.74 25.59
CA HIS A 627 -12.82 -4.95 25.40
C HIS A 627 -12.50 -6.43 25.69
N LEU A 628 -11.84 -7.12 24.74
CA LEU A 628 -11.47 -8.56 24.87
C LEU A 628 -10.02 -8.67 25.35
N CYS A 629 -9.67 -7.89 26.37
CA CYS A 629 -8.33 -7.84 27.03
C CYS A 629 -8.51 -7.74 28.54
N SER A 630 -7.65 -8.41 29.32
CA SER A 630 -7.69 -8.48 30.80
C SER A 630 -7.55 -7.08 31.40
N ARG A 631 -7.92 -6.93 32.68
CA ARG A 631 -7.72 -5.67 33.46
C ARG A 631 -6.22 -5.50 33.73
N ALA A 632 -5.48 -6.60 33.83
CA ALA A 632 -4.01 -6.66 33.99
C ALA A 632 -3.34 -6.17 32.69
N ARG A 633 -3.87 -6.55 31.54
CA ARG A 633 -3.32 -6.20 30.20
C ARG A 633 -3.46 -4.69 29.97
N PHE A 634 -4.62 -4.11 30.29
CA PHE A 634 -4.95 -2.67 30.12
C PHE A 634 -3.85 -1.80 30.74
N GLU A 635 -3.15 -2.30 31.77
CA GLU A 635 -2.05 -1.59 32.48
C GLU A 635 -0.74 -1.72 31.67
N ARG A 636 -0.49 -2.88 31.05
CA ARG A 636 0.74 -3.14 30.24
C ARG A 636 0.56 -2.64 28.79
N LEU A 637 -0.37 -1.70 28.57
CA LEU A 637 -0.61 -1.05 27.25
C LEU A 637 -0.04 0.37 27.27
N GLU A 638 0.59 0.79 26.15
CA GLU A 638 1.16 2.15 25.96
C GLU A 638 0.01 3.16 25.87
N THR A 639 0.32 4.45 26.06
CA THR A 639 -0.64 5.58 25.99
C THR A 639 -0.92 5.90 24.51
N HIS A 640 0.12 5.96 23.67
CA HIS A 640 0.05 6.24 22.22
C HIS A 640 0.79 5.16 21.43
N MET A 641 0.34 4.89 20.20
CA MET A 641 0.99 3.98 19.24
C MET A 641 2.27 4.63 18.71
N THR A 642 3.26 3.83 18.32
CA THR A 642 4.51 4.27 17.64
C THR A 642 4.12 4.92 16.31
N PRO A 643 4.44 6.20 16.07
CA PRO A 643 4.15 6.84 14.78
C PRO A 643 4.95 6.19 13.64
N GLU A 644 4.37 6.13 12.44
CA GLU A 644 4.91 5.39 11.27
C GLU A 644 6.33 5.86 10.95
N MET A 645 6.61 7.15 11.16
CA MET A 645 7.94 7.79 10.91
C MET A 645 9.05 7.03 11.67
N PHE A 646 8.72 6.40 12.80
CA PHE A 646 9.68 5.69 13.68
C PHE A 646 9.94 4.25 13.22
N ARG A 647 9.09 3.69 12.36
CA ARG A 647 9.07 2.22 12.07
C ARG A 647 8.69 1.94 10.61
N THR A 648 9.11 2.79 9.66
CA THR A 648 8.83 2.63 8.21
C THR A 648 10.10 2.96 7.41
N PRO A 649 10.41 2.19 6.35
CA PRO A 649 11.49 2.55 5.41
C PRO A 649 11.26 3.94 4.80
N LEU A 650 12.34 4.70 4.62
CA LEU A 650 12.32 6.16 4.29
C LEU A 650 12.88 6.41 2.88
N HIS A 651 13.21 5.36 2.13
CA HIS A 651 13.88 5.51 0.80
C HIS A 651 12.89 6.13 -0.20
N GLU A 652 11.60 5.86 -0.08
CA GLU A 652 10.55 6.44 -0.98
C GLU A 652 10.33 7.91 -0.62
N ILE A 653 10.48 8.28 0.66
CA ILE A 653 10.44 9.71 1.13
C ILE A 653 11.75 10.39 0.74
N ALA A 654 12.88 9.67 0.80
CA ALA A 654 14.24 10.19 0.49
C ALA A 654 14.32 10.63 -0.98
N LEU A 655 13.73 9.87 -1.90
CA LEU A 655 13.68 10.20 -3.35
C LEU A 655 12.82 11.46 -3.55
N SER A 656 11.65 11.51 -2.91
CA SER A 656 10.72 12.67 -2.94
C SER A 656 11.48 13.95 -2.55
N ILE A 657 12.21 13.90 -1.43
CA ILE A 657 13.05 15.03 -0.90
C ILE A 657 13.98 15.55 -2.01
N LYS A 658 14.61 14.64 -2.75
CA LYS A 658 15.61 14.98 -3.81
C LYS A 658 14.90 15.50 -5.06
N LEU A 659 13.83 14.81 -5.50
CA LEU A 659 13.03 15.19 -6.68
C LEU A 659 12.48 16.61 -6.49
N LEU A 660 11.94 16.92 -5.29
CA LEU A 660 11.34 18.22 -4.94
C LEU A 660 12.40 19.26 -4.59
N ARG A 661 13.68 18.84 -4.52
CA ARG A 661 14.87 19.72 -4.37
C ARG A 661 14.78 20.47 -3.03
N LEU A 662 14.62 19.71 -1.94
CA LEU A 662 14.41 20.25 -0.57
C LEU A 662 15.68 20.10 0.28
N GLY A 663 16.79 19.65 -0.34
CA GLY A 663 18.12 19.63 0.28
C GLY A 663 18.51 18.24 0.76
N GLY A 664 19.20 18.15 1.90
CA GLY A 664 19.71 16.91 2.48
C GLY A 664 18.60 16.04 3.02
N ILE A 665 18.67 14.72 2.77
CA ILE A 665 17.70 13.70 3.28
C ILE A 665 17.64 13.80 4.81
N GLY A 666 18.79 13.74 5.47
CA GLY A 666 18.92 13.86 6.93
C GLY A 666 18.58 15.27 7.41
N GLN A 667 19.08 16.29 6.69
CA GLN A 667 18.87 17.72 7.01
C GLN A 667 17.37 18.03 7.03
N PHE A 668 16.64 17.56 6.02
CA PHE A 668 15.18 17.81 5.87
C PHE A 668 14.40 17.04 6.95
N LEU A 669 14.70 15.74 7.09
CA LEU A 669 13.98 14.81 8.00
C LEU A 669 14.23 15.19 9.46
N ALA A 670 15.27 15.98 9.75
CA ALA A 670 15.57 16.53 11.10
C ALA A 670 14.51 17.57 11.50
N LYS A 671 13.87 18.21 10.51
CA LYS A 671 12.84 19.26 10.73
C LYS A 671 11.45 18.64 10.96
N ALA A 672 11.32 17.32 10.81
CA ALA A 672 10.05 16.58 11.04
C ALA A 672 9.54 16.88 12.45
N ILE A 673 8.22 16.92 12.64
CA ILE A 673 7.55 17.17 13.95
C ILE A 673 8.10 16.16 14.99
N GLU A 674 8.31 14.91 14.56
CA GLU A 674 8.98 13.85 15.36
C GLU A 674 9.96 13.13 14.42
N PRO A 675 11.23 13.59 14.33
CA PRO A 675 12.18 13.04 13.37
C PRO A 675 12.36 11.53 13.45
N PRO A 676 12.60 10.85 12.30
CA PRO A 676 12.76 9.40 12.28
C PRO A 676 14.07 8.94 12.94
N PRO A 677 14.23 7.63 13.21
CA PRO A 677 15.48 7.12 13.77
C PRO A 677 16.65 7.33 12.80
N LEU A 678 17.84 7.61 13.34
CA LEU A 678 19.09 7.80 12.56
C LEU A 678 19.30 6.60 11.63
N ASP A 679 19.16 5.38 12.16
CA ASP A 679 19.52 4.10 11.45
C ASP A 679 18.63 3.92 10.21
N ALA A 680 17.40 4.45 10.24
CA ALA A 680 16.42 4.38 9.12
C ALA A 680 16.86 5.31 7.99
N VAL A 681 17.37 6.51 8.32
CA VAL A 681 17.89 7.52 7.35
C VAL A 681 19.14 6.94 6.68
N ILE A 682 20.06 6.36 7.46
CA ILE A 682 21.34 5.75 6.96
C ILE A 682 20.99 4.58 6.04
N GLU A 683 20.01 3.76 6.41
CA GLU A 683 19.53 2.59 5.64
C GLU A 683 18.94 3.05 4.29
N ALA A 684 18.11 4.10 4.31
CA ALA A 684 17.46 4.68 3.13
C ALA A 684 18.53 5.19 2.15
N GLU A 685 19.51 5.95 2.65
CA GLU A 685 20.63 6.52 1.85
C GLU A 685 21.46 5.38 1.24
N HIS A 686 21.76 4.34 2.03
CA HIS A 686 22.56 3.17 1.60
C HIS A 686 21.82 2.42 0.48
N THR A 687 20.54 2.08 0.70
CA THR A 687 19.66 1.34 -0.24
C THR A 687 19.63 2.05 -1.60
N LEU A 688 19.52 3.39 -1.60
CA LEU A 688 19.38 4.20 -2.84
C LEU A 688 20.74 4.39 -3.53
N ARG A 689 21.84 4.37 -2.78
CA ARG A 689 23.22 4.41 -3.35
C ARG A 689 23.51 3.08 -4.04
N GLU A 690 23.10 1.96 -3.42
CA GLU A 690 23.25 0.58 -3.96
C GLU A 690 22.59 0.47 -5.34
N LEU A 691 21.40 1.06 -5.51
CA LEU A 691 20.58 0.99 -6.75
C LEU A 691 21.11 1.96 -7.80
N ASP A 692 22.06 2.84 -7.44
CA ASP A 692 22.59 3.95 -8.27
C ASP A 692 21.51 5.01 -8.48
N ALA A 693 20.56 5.12 -7.55
CA ALA A 693 19.53 6.19 -7.50
C ALA A 693 20.18 7.48 -6.99
N LEU A 694 21.12 7.36 -6.05
CA LEU A 694 21.98 8.46 -5.55
C LEU A 694 23.45 8.14 -5.87
N ASP A 695 24.29 9.17 -5.97
CA ASP A 695 25.77 9.06 -6.14
C ASP A 695 26.41 9.13 -4.75
N ALA A 696 27.74 9.19 -4.69
CA ALA A 696 28.55 9.23 -3.44
C ALA A 696 28.22 10.49 -2.62
N ASN A 697 27.83 11.58 -3.30
CA ASN A 697 27.49 12.89 -2.68
C ASN A 697 25.99 12.95 -2.33
N ASP A 698 25.26 11.85 -2.51
CA ASP A 698 23.82 11.68 -2.18
C ASP A 698 22.98 12.67 -3.01
N GLU A 699 23.27 12.78 -4.30
CA GLU A 699 22.51 13.63 -5.27
C GLU A 699 21.81 12.74 -6.30
N LEU A 700 20.64 13.16 -6.76
CA LEU A 700 19.71 12.36 -7.60
C LEU A 700 20.36 12.13 -8.98
N THR A 701 20.57 10.86 -9.35
CA THR A 701 21.11 10.43 -10.67
C THR A 701 19.98 10.44 -11.68
N PRO A 702 20.27 10.37 -13.01
CA PRO A 702 19.21 10.24 -14.01
C PRO A 702 18.30 9.02 -13.75
N LEU A 703 18.87 7.92 -13.26
CA LEU A 703 18.14 6.69 -12.85
C LEU A 703 17.21 7.01 -11.67
N GLY A 704 17.75 7.63 -10.62
CA GLY A 704 17.00 8.01 -9.40
C GLY A 704 15.81 8.90 -9.73
N ARG A 705 15.98 9.81 -10.70
CA ARG A 705 14.93 10.75 -11.19
C ARG A 705 13.74 9.94 -11.71
N ILE A 706 14.00 8.87 -12.47
CA ILE A 706 12.95 7.97 -13.04
C ILE A 706 12.27 7.23 -11.87
N LEU A 707 13.06 6.62 -10.96
CA LEU A 707 12.54 5.86 -9.79
C LEU A 707 11.65 6.76 -8.92
N ALA A 708 12.02 8.03 -8.79
CA ALA A 708 11.30 9.04 -7.97
C ALA A 708 9.93 9.37 -8.57
N LYS A 709 9.81 9.28 -9.89
CA LYS A 709 8.58 9.61 -10.67
C LYS A 709 7.65 8.40 -10.76
N LEU A 710 8.20 7.18 -10.65
CA LEU A 710 7.40 5.91 -10.67
C LEU A 710 6.77 5.70 -9.30
N PRO A 711 5.42 5.64 -9.19
CA PRO A 711 4.77 5.39 -7.91
C PRO A 711 4.83 3.89 -7.55
N ILE A 712 6.04 3.41 -7.26
CA ILE A 712 6.35 1.97 -7.03
C ILE A 712 7.66 1.89 -6.23
N GLU A 713 7.88 0.82 -5.46
CA GLU A 713 9.17 0.51 -4.81
C GLU A 713 10.30 0.81 -5.78
N PRO A 714 11.31 1.64 -5.40
CA PRO A 714 12.44 1.94 -6.29
C PRO A 714 13.08 0.73 -6.96
N ARG A 715 13.19 -0.41 -6.25
CA ARG A 715 13.83 -1.64 -6.78
C ARG A 715 13.00 -2.21 -7.94
N PHE A 716 11.67 -2.20 -7.82
CA PHE A 716 10.71 -2.60 -8.88
C PHE A 716 10.77 -1.59 -10.03
N GLY A 717 11.04 -0.32 -9.72
CA GLY A 717 11.26 0.75 -10.71
C GLY A 717 12.45 0.44 -11.61
N LYS A 718 13.57 0.00 -11.01
CA LYS A 718 14.81 -0.38 -11.74
C LYS A 718 14.55 -1.62 -12.58
N MET A 719 13.76 -2.58 -12.06
CA MET A 719 13.37 -3.84 -12.75
C MET A 719 12.62 -3.50 -14.05
N MET A 720 11.78 -2.46 -14.03
CA MET A 720 10.98 -2.00 -15.21
C MET A 720 11.93 -1.41 -16.26
N ILE A 721 12.87 -0.56 -15.84
CA ILE A 721 13.89 0.09 -16.73
C ILE A 721 14.67 -1.01 -17.47
N MET A 722 15.09 -2.05 -16.74
CA MET A 722 15.83 -3.21 -17.29
C MET A 722 14.92 -3.96 -18.27
N GLY A 723 13.65 -4.17 -17.90
CA GLY A 723 12.62 -4.77 -18.75
C GLY A 723 12.51 -4.06 -20.10
N CYS A 724 12.60 -2.74 -20.11
CA CYS A 724 12.53 -1.89 -21.33
C CYS A 724 13.73 -2.18 -22.23
N ILE A 725 14.92 -2.34 -21.64
CA ILE A 725 16.19 -2.63 -22.39
C ILE A 725 16.10 -4.02 -23.04
N PHE A 726 15.39 -4.97 -22.43
CA PHE A 726 15.23 -6.37 -22.91
C PHE A 726 13.99 -6.50 -23.80
N TYR A 727 13.18 -5.44 -23.92
CA TYR A 727 11.93 -5.38 -24.73
C TYR A 727 10.89 -6.35 -24.15
N VAL A 728 10.76 -6.37 -22.82
CA VAL A 728 9.68 -7.12 -22.09
C VAL A 728 9.04 -6.18 -21.07
N GLY A 729 9.07 -4.87 -21.34
CA GLY A 729 8.61 -3.81 -20.42
C GLY A 729 7.17 -4.02 -19.97
N ASP A 730 6.28 -4.38 -20.90
CA ASP A 730 4.83 -4.56 -20.64
C ASP A 730 4.62 -5.66 -19.58
N ALA A 731 5.24 -6.82 -19.78
CA ALA A 731 5.17 -7.97 -18.86
C ALA A 731 5.62 -7.54 -17.46
N ILE A 732 6.73 -6.79 -17.37
CA ILE A 732 7.38 -6.37 -16.09
C ILE A 732 6.52 -5.29 -15.43
N CYS A 733 5.94 -4.38 -16.21
CA CYS A 733 4.98 -3.34 -15.74
C CYS A 733 3.73 -4.02 -15.14
N THR A 734 3.25 -5.08 -15.78
CA THR A 734 2.12 -5.92 -15.31
C THR A 734 2.47 -6.51 -13.93
N ILE A 735 3.66 -7.10 -13.80
CA ILE A 735 4.17 -7.73 -12.55
C ILE A 735 4.27 -6.67 -11.46
N ALA A 736 4.88 -5.52 -11.77
CA ALA A 736 5.09 -4.39 -10.84
C ALA A 736 3.72 -3.91 -10.33
N ALA A 737 2.81 -3.59 -11.26
CA ALA A 737 1.42 -3.16 -10.97
C ALA A 737 0.75 -4.15 -10.01
N ALA A 738 0.86 -5.45 -10.29
CA ALA A 738 0.19 -6.55 -9.55
C ALA A 738 0.55 -6.49 -8.05
N THR A 739 1.75 -6.02 -7.70
CA THR A 739 2.26 -5.97 -6.31
C THR A 739 1.55 -4.87 -5.51
N CYS A 740 0.81 -3.97 -6.17
CA CYS A 740 0.12 -2.80 -5.56
C CYS A 740 -1.34 -3.16 -5.21
N PHE A 741 -1.80 -4.36 -5.57
CA PHE A 741 -3.20 -4.82 -5.40
C PHE A 741 -3.19 -6.24 -4.85
N PRO A 742 -4.29 -6.72 -4.23
CA PRO A 742 -4.36 -8.11 -3.76
C PRO A 742 -4.36 -9.08 -4.95
N GLU A 743 -4.02 -10.35 -4.71
CA GLU A 743 -4.01 -11.41 -5.74
C GLU A 743 -5.38 -11.44 -6.42
N PRO A 744 -5.44 -11.51 -7.77
CA PRO A 744 -6.73 -11.53 -8.48
C PRO A 744 -7.50 -12.85 -8.33
N PHE A 745 -6.86 -13.90 -7.79
CA PHE A 745 -7.44 -15.25 -7.57
C PHE A 745 -8.33 -15.24 -6.32
N ILE A 746 -9.59 -15.63 -6.47
CA ILE A 746 -10.55 -15.86 -5.34
C ILE A 746 -10.39 -17.31 -4.87
N ASN A 747 -9.63 -17.51 -3.78
CA ASN A 747 -9.25 -18.85 -3.25
C ASN A 747 -10.15 -19.21 -2.04
N GLU A 748 -10.46 -18.23 -1.19
CA GLU A 748 -11.36 -18.36 0.01
C GLU A 748 -10.63 -19.09 1.14
N GLY A 749 -9.29 -19.12 1.12
CA GLY A 749 -8.44 -19.75 2.15
C GLY A 749 -7.94 -21.13 1.74
N LYS A 750 -8.81 -21.95 1.12
CA LYS A 750 -8.50 -23.32 0.64
C LYS A 750 -7.41 -23.27 -0.44
N ARG A 751 -6.71 -24.38 -0.68
CA ARG A 751 -5.66 -24.53 -1.72
C ARG A 751 -6.25 -24.22 -3.10
N LEU A 752 -5.39 -23.90 -4.08
CA LEU A 752 -5.78 -23.58 -5.47
C LEU A 752 -6.32 -24.84 -6.15
N GLY A 753 -7.43 -24.72 -6.88
CA GLY A 753 -8.03 -25.80 -7.71
C GLY A 753 -7.32 -25.93 -9.03
N TYR A 754 -7.82 -26.80 -9.91
CA TYR A 754 -7.25 -27.09 -11.26
C TYR A 754 -7.12 -25.77 -12.05
N ILE A 755 -8.23 -25.07 -12.22
CA ILE A 755 -8.36 -23.82 -13.04
C ILE A 755 -7.23 -22.83 -12.69
N HIS A 756 -6.98 -22.61 -11.40
CA HIS A 756 -5.99 -21.60 -10.88
C HIS A 756 -4.56 -22.08 -11.15
N ARG A 757 -4.29 -23.37 -10.94
CA ARG A 757 -2.95 -24.00 -11.11
C ARG A 757 -2.60 -24.11 -12.60
N ASN A 758 -3.61 -24.20 -13.48
CA ASN A 758 -3.43 -24.43 -14.93
C ASN A 758 -2.81 -23.17 -15.58
N PHE A 759 -3.03 -22.00 -14.98
CA PHE A 759 -2.48 -20.69 -15.44
C PHE A 759 -0.95 -20.69 -15.28
N ALA A 760 -0.44 -21.40 -14.28
CA ALA A 760 1.01 -21.52 -13.96
C ALA A 760 1.77 -22.12 -15.14
N GLY A 761 1.19 -23.12 -15.81
CA GLY A 761 1.89 -23.97 -16.79
C GLY A 761 2.92 -24.84 -16.09
N ASN A 762 4.08 -25.05 -16.73
CA ASN A 762 5.18 -25.92 -16.22
C ASN A 762 6.32 -25.07 -15.67
N ARG A 763 6.07 -23.80 -15.35
CA ARG A 763 7.10 -22.81 -14.93
C ARG A 763 7.29 -22.83 -13.41
N PHE A 764 6.31 -23.36 -12.66
CA PHE A 764 6.30 -23.38 -11.18
C PHE A 764 6.46 -21.95 -10.66
N SER A 765 5.53 -21.07 -11.05
CA SER A 765 5.59 -19.60 -10.78
C SER A 765 4.19 -19.02 -10.58
N ASP A 766 3.98 -18.36 -9.44
CA ASP A 766 2.76 -17.56 -9.13
C ASP A 766 2.74 -16.32 -10.02
N HIS A 767 3.92 -15.82 -10.40
CA HIS A 767 4.11 -14.61 -11.25
C HIS A 767 3.72 -14.94 -12.70
N VAL A 768 4.13 -16.11 -13.20
CA VAL A 768 3.77 -16.63 -14.56
C VAL A 768 2.26 -16.86 -14.61
N ALA A 769 1.70 -17.46 -13.56
CA ALA A 769 0.24 -17.67 -13.38
C ALA A 769 -0.48 -16.32 -13.55
N LEU A 770 0.03 -15.27 -12.91
CA LEU A 770 -0.57 -13.91 -12.89
C LEU A 770 -0.54 -13.32 -14.31
N LEU A 771 0.60 -13.41 -15.00
CA LEU A 771 0.75 -12.91 -16.40
C LEU A 771 -0.20 -13.67 -17.33
N SER A 772 -0.32 -14.98 -17.14
CA SER A 772 -1.19 -15.90 -17.92
C SER A 772 -2.66 -15.48 -17.76
N VAL A 773 -3.08 -15.16 -16.54
CA VAL A 773 -4.45 -14.67 -16.20
C VAL A 773 -4.72 -13.39 -16.99
N PHE A 774 -3.76 -12.46 -17.03
CA PHE A 774 -3.87 -11.15 -17.72
C PHE A 774 -3.94 -11.35 -19.24
N GLN A 775 -3.22 -12.34 -19.80
CA GLN A 775 -3.23 -12.64 -21.25
C GLN A 775 -4.61 -13.22 -21.63
N ALA A 776 -5.16 -14.11 -20.80
CA ALA A 776 -6.48 -14.75 -21.00
C ALA A 776 -7.61 -13.72 -20.77
N TRP A 777 -7.49 -12.88 -19.73
CA TRP A 777 -8.50 -11.86 -19.35
C TRP A 777 -8.57 -10.76 -20.42
N ASP A 778 -7.43 -10.38 -20.99
CA ASP A 778 -7.33 -9.30 -22.01
C ASP A 778 -7.97 -9.77 -23.32
N ASP A 779 -7.93 -11.08 -23.59
CA ASP A 779 -8.58 -11.71 -24.78
C ASP A 779 -10.10 -11.75 -24.56
N ALA A 780 -10.54 -12.12 -23.35
CA ALA A 780 -11.97 -12.24 -22.97
C ALA A 780 -12.66 -10.87 -22.98
N ARG A 781 -11.90 -9.78 -22.83
CA ARG A 781 -12.40 -8.38 -22.83
C ARG A 781 -12.96 -8.00 -24.21
N MET A 782 -12.44 -8.60 -25.28
CA MET A 782 -12.77 -8.26 -26.69
C MET A 782 -14.22 -8.66 -27.02
N GLY A 783 -14.84 -9.52 -26.20
CA GLY A 783 -16.25 -9.95 -26.35
C GLY A 783 -17.21 -9.04 -25.58
N GLY A 784 -16.73 -7.93 -25.02
CA GLY A 784 -17.56 -6.95 -24.31
C GLY A 784 -17.55 -7.15 -22.81
N GLU A 785 -18.29 -6.30 -22.08
CA GLU A 785 -18.28 -6.22 -20.59
C GLU A 785 -18.86 -7.49 -19.97
N GLU A 786 -19.85 -8.11 -20.61
CA GLU A 786 -20.59 -9.29 -20.05
C GLU A 786 -19.71 -10.54 -20.19
N ALA A 787 -19.08 -10.73 -21.35
CA ALA A 787 -18.13 -11.84 -21.64
C ALA A 787 -16.99 -11.83 -20.61
N GLU A 788 -16.57 -10.64 -20.18
CA GLU A 788 -15.51 -10.42 -19.14
C GLU A 788 -16.01 -10.97 -17.80
N ILE A 789 -17.22 -10.59 -17.38
CA ILE A 789 -17.84 -10.99 -16.08
C ILE A 789 -17.99 -12.52 -16.06
N ARG A 790 -18.39 -13.13 -17.18
CA ARG A 790 -18.59 -14.59 -17.32
C ARG A 790 -17.25 -15.32 -17.19
N PHE A 791 -16.20 -14.80 -17.85
CA PHE A 791 -14.81 -15.32 -17.79
C PHE A 791 -14.31 -15.25 -16.34
N CYS A 792 -14.45 -14.08 -15.72
CA CYS A 792 -13.95 -13.79 -14.35
C CYS A 792 -14.69 -14.64 -13.30
N GLU A 793 -15.96 -14.98 -13.54
CA GLU A 793 -16.78 -15.79 -12.59
C GLU A 793 -16.54 -17.29 -12.82
N HIS A 794 -16.41 -17.72 -14.09
CA HIS A 794 -16.10 -19.11 -14.49
C HIS A 794 -14.73 -19.52 -13.95
N LYS A 795 -13.72 -18.65 -14.09
CA LYS A 795 -12.31 -18.91 -13.69
C LYS A 795 -12.07 -18.49 -12.23
N ARG A 796 -13.07 -17.90 -11.56
CA ARG A 796 -13.03 -17.44 -10.16
C ARG A 796 -11.95 -16.36 -10.00
N LEU A 797 -12.12 -15.22 -10.68
CA LEU A 797 -11.17 -14.07 -10.68
C LEU A 797 -11.92 -12.82 -10.22
N ASN A 798 -11.25 -11.94 -9.46
CA ASN A 798 -11.79 -10.64 -9.01
C ASN A 798 -11.63 -9.62 -10.14
N MET A 799 -12.69 -9.39 -10.92
CA MET A 799 -12.68 -8.57 -12.15
C MET A 799 -12.22 -7.13 -11.84
N ALA A 800 -12.60 -6.61 -10.67
CA ALA A 800 -12.21 -5.24 -10.20
C ALA A 800 -10.69 -5.14 -10.07
N THR A 801 -10.04 -6.18 -9.53
CA THR A 801 -8.57 -6.25 -9.28
C THR A 801 -7.81 -6.23 -10.61
N LEU A 802 -8.28 -6.98 -11.60
CA LEU A 802 -7.64 -7.10 -12.94
C LEU A 802 -7.71 -5.75 -13.67
N ARG A 803 -8.83 -5.04 -13.54
CA ARG A 803 -9.07 -3.72 -14.20
C ARG A 803 -8.17 -2.65 -13.57
N MET A 804 -8.11 -2.59 -12.25
CA MET A 804 -7.25 -1.64 -11.49
C MET A 804 -5.78 -1.85 -11.88
N THR A 805 -5.32 -3.10 -11.86
CA THR A 805 -3.93 -3.50 -12.20
C THR A 805 -3.58 -3.05 -13.62
N TRP A 806 -4.44 -3.34 -14.59
CA TRP A 806 -4.26 -2.98 -16.02
C TRP A 806 -4.12 -1.46 -16.16
N GLU A 807 -5.00 -0.70 -15.49
CA GLU A 807 -4.99 0.79 -15.52
C GLU A 807 -3.69 1.30 -14.89
N ALA A 808 -3.22 0.66 -13.82
CA ALA A 808 -1.93 0.93 -13.15
C ALA A 808 -0.77 0.71 -14.13
N LYS A 809 -0.80 -0.42 -14.85
CA LYS A 809 0.22 -0.82 -15.85
C LYS A 809 0.32 0.26 -16.95
N VAL A 810 -0.82 0.79 -17.40
CA VAL A 810 -0.91 1.82 -18.48
C VAL A 810 -0.26 3.12 -17.96
N GLN A 811 -0.42 3.43 -16.68
CA GLN A 811 0.11 4.66 -16.04
C GLN A 811 1.62 4.53 -15.80
N LEU A 812 2.09 3.33 -15.43
CA LEU A 812 3.53 3.02 -15.29
C LEU A 812 4.18 3.12 -16.68
N LYS A 813 3.56 2.50 -17.69
CA LYS A 813 3.98 2.55 -19.12
C LYS A 813 4.07 4.01 -19.56
N GLU A 814 3.10 4.84 -19.16
CA GLU A 814 2.97 6.27 -19.52
C GLU A 814 4.21 7.06 -19.05
N ILE A 815 4.65 6.84 -17.80
CA ILE A 815 5.76 7.60 -17.16
C ILE A 815 7.10 7.22 -17.83
N LEU A 816 7.27 5.94 -18.20
CA LEU A 816 8.48 5.46 -18.93
C LEU A 816 8.56 6.15 -20.30
N ILE A 817 7.43 6.24 -21.03
CA ILE A 817 7.34 6.92 -22.35
C ILE A 817 7.79 8.38 -22.21
N ASN A 818 7.26 9.09 -21.20
CA ASN A 818 7.54 10.53 -20.92
C ASN A 818 9.01 10.72 -20.53
N SER A 819 9.69 9.66 -20.06
CA SER A 819 11.11 9.67 -19.63
C SER A 819 12.05 9.42 -20.81
N GLY A 820 11.52 9.04 -21.98
CA GLY A 820 12.27 8.96 -23.25
C GLY A 820 12.32 7.54 -23.81
N PHE A 821 11.79 6.55 -23.10
CA PHE A 821 11.76 5.12 -23.54
C PHE A 821 10.87 5.00 -24.76
N PRO A 822 11.27 4.26 -25.82
CA PRO A 822 10.43 4.06 -27.00
C PRO A 822 9.26 3.11 -26.72
N GLU A 823 8.18 3.25 -27.50
CA GLU A 823 6.91 2.50 -27.30
C GLU A 823 7.10 1.02 -27.65
N ASP A 824 7.98 0.71 -28.59
CA ASP A 824 8.17 -0.65 -29.17
C ASP A 824 8.74 -1.62 -28.11
N CYS A 825 9.35 -1.10 -27.03
CA CYS A 825 9.89 -1.89 -25.91
C CYS A 825 8.83 -2.07 -24.81
N LEU A 826 7.61 -1.58 -25.03
CA LEU A 826 6.48 -1.63 -24.05
C LEU A 826 5.20 -2.17 -24.71
N LEU A 827 5.31 -2.84 -25.87
CA LEU A 827 4.15 -3.45 -26.57
C LEU A 827 3.83 -4.79 -25.92
N THR A 828 2.55 -5.10 -25.73
CA THR A 828 2.06 -6.43 -25.25
C THR A 828 2.59 -7.48 -26.22
N GLN A 829 3.17 -8.56 -25.69
CA GLN A 829 3.75 -9.68 -26.47
C GLN A 829 3.05 -10.98 -26.07
N VAL A 830 2.60 -11.76 -27.05
CA VAL A 830 2.04 -13.13 -26.83
C VAL A 830 3.17 -14.01 -26.28
N PHE A 831 2.85 -14.93 -25.38
CA PHE A 831 3.80 -15.91 -24.79
C PHE A 831 3.06 -17.20 -24.44
N THR A 832 3.81 -18.29 -24.26
CA THR A 832 3.32 -19.62 -23.83
C THR A 832 3.92 -19.92 -22.45
N ASN A 833 3.11 -20.45 -21.53
CA ASN A 833 3.52 -20.80 -20.14
C ASN A 833 3.87 -22.29 -20.05
N THR A 834 3.89 -23.00 -21.20
CA THR A 834 4.28 -24.43 -21.32
C THR A 834 5.41 -24.58 -22.34
N GLY A 835 5.20 -24.09 -23.57
CA GLY A 835 6.23 -24.10 -24.63
C GLY A 835 7.45 -23.30 -24.24
N PRO A 836 8.63 -23.54 -24.87
CA PRO A 836 9.83 -22.75 -24.61
C PRO A 836 9.68 -21.31 -25.14
N ASP A 837 9.86 -20.31 -24.27
CA ASP A 837 9.68 -18.86 -24.56
C ASP A 837 10.84 -18.07 -23.95
N ASN A 838 11.65 -17.42 -24.78
CA ASN A 838 12.89 -16.71 -24.34
C ASN A 838 12.52 -15.38 -23.67
N ASN A 839 11.40 -14.77 -24.07
CA ASN A 839 10.90 -13.49 -23.47
C ASN A 839 10.52 -13.74 -22.00
N LEU A 840 9.82 -14.85 -21.72
CA LEU A 840 9.36 -15.21 -20.36
C LEU A 840 10.55 -15.65 -19.50
N ASP A 841 11.57 -16.27 -20.12
CA ASP A 841 12.85 -16.63 -19.45
C ASP A 841 13.48 -15.36 -18.86
N VAL A 842 13.57 -14.31 -19.67
CA VAL A 842 14.17 -12.99 -19.28
C VAL A 842 13.31 -12.36 -18.17
N VAL A 843 11.98 -12.37 -18.33
CA VAL A 843 11.00 -11.80 -17.37
C VAL A 843 11.25 -12.39 -15.98
N ILE A 844 11.45 -13.71 -15.89
CA ILE A 844 11.71 -14.44 -14.61
C ILE A 844 13.09 -14.01 -14.05
N SER A 845 14.07 -13.79 -14.92
CA SER A 845 15.42 -13.30 -14.52
C SER A 845 15.29 -11.90 -13.90
N LEU A 846 14.59 -10.98 -14.57
CA LEU A 846 14.38 -9.58 -14.08
C LEU A 846 13.50 -9.59 -12.83
N LEU A 847 12.59 -10.57 -12.72
CA LEU A 847 11.77 -10.78 -11.50
C LEU A 847 12.68 -11.10 -10.31
N ALA A 848 13.64 -12.02 -10.51
CA ALA A 848 14.63 -12.46 -9.51
C ALA A 848 15.41 -11.25 -8.97
N PHE A 849 15.79 -10.31 -9.83
CA PHE A 849 16.41 -9.02 -9.47
C PHE A 849 15.46 -8.23 -8.57
N GLY A 850 14.19 -8.11 -8.98
CA GLY A 850 13.17 -7.25 -8.34
C GLY A 850 12.91 -7.63 -6.89
N VAL A 851 12.70 -8.90 -6.61
CA VAL A 851 12.21 -9.38 -5.28
C VAL A 851 13.40 -9.60 -4.34
N TYR A 852 14.63 -9.65 -4.85
CA TYR A 852 15.88 -9.80 -4.06
C TYR A 852 15.85 -8.83 -2.89
N PRO A 853 16.30 -9.22 -1.66
CA PRO A 853 16.95 -10.50 -1.40
C PRO A 853 16.03 -11.65 -0.92
N ASN A 854 14.80 -11.73 -1.43
CA ASN A 854 13.86 -12.84 -1.11
C ASN A 854 14.18 -14.03 -2.01
N VAL A 855 15.22 -14.78 -1.65
CA VAL A 855 15.62 -16.08 -2.26
C VAL A 855 15.44 -17.17 -1.19
N CYS A 856 15.23 -18.42 -1.58
CA CYS A 856 15.06 -19.58 -0.67
C CYS A 856 15.40 -20.90 -1.38
N TYR A 857 15.70 -21.95 -0.59
CA TYR A 857 16.07 -23.31 -1.05
C TYR A 857 15.02 -24.30 -0.51
N HIS A 858 14.53 -25.20 -1.36
CA HIS A 858 13.48 -26.19 -1.02
C HIS A 858 14.11 -27.44 -0.37
N LYS A 859 13.57 -27.86 0.78
CA LYS A 859 13.99 -29.07 1.54
C LYS A 859 13.15 -30.26 1.07
N GLU A 860 12.07 -30.58 1.78
CA GLU A 860 11.07 -31.62 1.40
C GLU A 860 9.66 -31.10 1.70
N LYS A 861 8.68 -31.49 0.88
CA LYS A 861 7.25 -31.11 1.01
C LYS A 861 7.12 -29.58 0.94
N ARG A 862 6.72 -28.92 2.04
CA ARG A 862 6.45 -27.47 2.12
C ARG A 862 7.64 -26.73 2.77
N LYS A 863 8.61 -27.45 3.33
CA LYS A 863 9.74 -26.84 4.09
C LYS A 863 10.75 -26.24 3.10
N ILE A 864 11.11 -24.98 3.33
CA ILE A 864 12.16 -24.22 2.59
C ILE A 864 13.07 -23.55 3.62
N LEU A 865 14.33 -23.25 3.27
CA LEU A 865 15.26 -22.46 4.11
C LEU A 865 15.54 -21.13 3.42
N THR A 866 15.60 -20.03 4.19
CA THR A 866 15.58 -18.62 3.71
C THR A 866 17.02 -18.12 3.51
N THR A 867 17.16 -16.82 3.18
CA THR A 867 18.46 -16.13 2.95
C THR A 867 19.32 -16.20 4.22
N GLU A 868 18.70 -16.13 5.40
CA GLU A 868 19.40 -16.12 6.72
C GLU A 868 19.96 -17.51 7.03
N GLY A 869 19.42 -18.55 6.39
CA GLY A 869 19.76 -19.96 6.63
C GLY A 869 18.82 -20.59 7.65
N ARG A 870 17.63 -20.01 7.84
CA ARG A 870 16.57 -20.47 8.78
C ARG A 870 15.46 -21.18 8.00
N ASN A 871 14.78 -22.14 8.65
CA ASN A 871 13.68 -22.95 8.06
C ASN A 871 12.43 -22.09 7.89
N ALA A 872 11.65 -22.36 6.84
CA ALA A 872 10.42 -21.63 6.45
C ALA A 872 9.46 -22.56 5.70
N LEU A 873 8.25 -22.10 5.41
CA LEU A 873 7.17 -22.88 4.76
C LEU A 873 6.74 -22.19 3.45
N ILE A 874 6.42 -22.97 2.42
CA ILE A 874 5.73 -22.51 1.18
C ILE A 874 4.29 -22.16 1.57
N HIS A 875 3.81 -20.96 1.21
CA HIS A 875 2.45 -20.46 1.56
C HIS A 875 1.39 -21.33 0.87
N LYS A 876 0.26 -21.56 1.54
CA LYS A 876 -0.84 -22.45 1.10
C LYS A 876 -1.44 -21.96 -0.22
N SER A 877 -1.40 -20.65 -0.46
CA SER A 877 -2.02 -19.96 -1.63
C SER A 877 -1.20 -20.15 -2.91
N SER A 878 0.09 -20.53 -2.80
CA SER A 878 1.03 -20.65 -3.93
C SER A 878 0.70 -21.87 -4.80
N VAL A 879 1.06 -21.81 -6.09
CA VAL A 879 0.89 -22.90 -7.09
C VAL A 879 1.98 -23.97 -6.87
N ASN A 880 3.08 -23.60 -6.22
CA ASN A 880 4.22 -24.51 -5.89
C ASN A 880 3.92 -25.27 -4.61
N CYS A 881 2.90 -24.88 -3.86
CA CYS A 881 2.45 -25.55 -2.61
C CYS A 881 1.79 -26.89 -2.95
N PRO A 882 2.33 -28.03 -2.48
CA PRO A 882 1.76 -29.34 -2.81
C PRO A 882 0.52 -29.66 -1.96
N PHE A 883 -0.24 -30.69 -2.37
CA PHE A 883 -1.34 -31.32 -1.60
C PHE A 883 -0.72 -32.10 -0.44
N SER A 884 -1.55 -32.62 0.48
CA SER A 884 -1.13 -33.37 1.70
C SER A 884 -0.13 -34.48 1.34
N SER A 885 -0.41 -35.24 0.27
CA SER A 885 0.32 -36.48 -0.11
C SER A 885 1.37 -36.20 -1.20
N GLN A 886 0.94 -35.96 -2.45
CA GLN A 886 1.80 -35.89 -3.66
C GLN A 886 2.92 -34.85 -3.45
N ASP A 887 4.17 -35.29 -3.54
CA ASP A 887 5.39 -34.43 -3.48
C ASP A 887 5.69 -33.92 -4.89
N MET A 888 5.96 -32.61 -5.03
CA MET A 888 6.30 -31.96 -6.32
C MET A 888 7.80 -32.13 -6.59
N LYS A 889 8.14 -32.78 -7.70
CA LYS A 889 9.52 -32.88 -8.24
C LYS A 889 9.84 -31.58 -8.97
N TYR A 890 10.45 -30.61 -8.29
CA TYR A 890 10.90 -29.31 -8.85
C TYR A 890 12.18 -29.54 -9.64
N PRO A 891 12.29 -29.04 -10.89
CA PRO A 891 13.52 -29.17 -11.68
C PRO A 891 14.67 -28.29 -11.16
N SER A 892 14.38 -27.38 -10.22
CA SER A 892 15.38 -26.60 -9.43
C SER A 892 14.82 -26.36 -8.03
N PRO A 893 15.64 -26.50 -6.96
CA PRO A 893 15.16 -26.28 -5.60
C PRO A 893 15.13 -24.80 -5.19
N PHE A 894 15.55 -23.91 -6.08
CA PHE A 894 15.72 -22.45 -5.83
C PHE A 894 14.45 -21.70 -6.21
N PHE A 895 14.10 -20.68 -5.43
CA PHE A 895 12.86 -19.86 -5.57
C PHE A 895 13.11 -18.43 -5.06
N VAL A 896 12.78 -17.45 -5.91
CA VAL A 896 12.60 -16.02 -5.51
C VAL A 896 11.09 -15.83 -5.24
N PHE A 897 10.71 -14.88 -4.38
CA PHE A 897 9.31 -14.70 -3.93
C PHE A 897 9.06 -13.25 -3.47
N GLY A 898 7.76 -12.89 -3.38
CA GLY A 898 7.28 -11.51 -3.21
C GLY A 898 7.50 -10.95 -1.81
N GLU A 899 7.00 -11.63 -0.77
CA GLU A 899 7.06 -11.14 0.64
C GLU A 899 7.14 -12.32 1.63
N LYS A 900 7.61 -12.03 2.85
CA LYS A 900 7.81 -13.01 3.96
C LYS A 900 6.75 -12.80 5.04
N ILE A 901 5.50 -13.20 4.78
CA ILE A 901 4.39 -13.14 5.78
C ILE A 901 4.79 -14.00 6.99
N ARG A 902 4.77 -13.41 8.19
CA ARG A 902 5.15 -14.07 9.48
C ARG A 902 3.89 -14.37 10.28
N THR A 903 3.53 -15.66 10.41
CA THR A 903 2.38 -16.17 11.21
C THR A 903 2.80 -17.46 11.92
N ARG A 904 3.31 -17.35 13.16
CA ARG A 904 3.80 -18.46 14.01
C ARG A 904 5.02 -19.14 13.36
N ALA A 905 5.52 -18.61 12.25
CA ALA A 905 6.59 -19.19 11.40
C ALA A 905 6.91 -18.23 10.26
N ILE A 906 7.92 -18.56 9.44
CA ILE A 906 8.29 -17.81 8.21
C ILE A 906 7.64 -18.53 7.02
N SER A 907 6.78 -17.83 6.27
CA SER A 907 6.10 -18.33 5.05
C SER A 907 6.40 -17.40 3.87
N ALA A 908 6.73 -17.98 2.71
CA ALA A 908 7.10 -17.27 1.45
C ALA A 908 5.92 -17.29 0.48
N LYS A 909 5.36 -16.13 0.17
CA LYS A 909 4.19 -15.97 -0.75
C LYS A 909 4.64 -15.34 -2.08
N GLY A 910 3.95 -15.68 -3.16
CA GLY A 910 4.28 -15.26 -4.54
C GLY A 910 5.62 -15.83 -4.97
N MET A 911 5.68 -17.14 -5.19
CA MET A 911 6.93 -17.91 -5.44
C MET A 911 7.12 -18.15 -6.94
N THR A 912 8.37 -18.03 -7.42
CA THR A 912 8.79 -18.32 -8.82
C THR A 912 10.08 -19.14 -8.79
N LEU A 913 10.09 -20.27 -9.50
CA LEU A 913 11.27 -21.15 -9.69
C LEU A 913 12.32 -20.39 -10.52
N VAL A 914 13.59 -20.47 -10.10
CA VAL A 914 14.76 -19.88 -10.82
C VAL A 914 15.88 -20.93 -10.90
N THR A 915 16.71 -20.85 -11.94
CA THR A 915 17.87 -21.74 -12.18
C THR A 915 19.10 -21.15 -11.47
N PRO A 916 20.12 -21.97 -11.13
CA PRO A 916 21.34 -21.47 -10.49
C PRO A 916 22.00 -20.28 -11.19
N LEU A 917 21.91 -20.19 -12.52
CA LEU A 917 22.50 -19.09 -13.34
C LEU A 917 21.81 -17.77 -12.99
N GLN A 918 20.48 -17.80 -12.85
CA GLN A 918 19.64 -16.62 -12.48
C GLN A 918 19.98 -16.19 -11.05
N LEU A 919 20.20 -17.17 -10.16
CA LEU A 919 20.62 -16.94 -8.75
C LEU A 919 21.89 -16.08 -8.73
N LEU A 920 22.94 -16.52 -9.42
CA LEU A 920 24.28 -15.87 -9.46
C LEU A 920 24.18 -14.53 -10.18
N LEU A 921 23.41 -14.47 -11.27
CA LEU A 921 23.29 -13.27 -12.16
C LEU A 921 22.65 -12.11 -11.38
N PHE A 922 21.38 -12.23 -11.01
CA PHE A 922 20.52 -11.11 -10.53
C PHE A 922 20.11 -11.27 -9.05
N ALA A 923 19.97 -12.49 -8.54
CA ALA A 923 19.40 -12.80 -7.20
C ALA A 923 20.51 -13.18 -6.21
N SER A 924 21.56 -12.35 -6.12
CA SER A 924 22.72 -12.51 -5.19
C SER A 924 23.60 -11.27 -5.27
N LYS A 925 24.30 -10.92 -4.19
CA LYS A 925 25.29 -9.81 -4.15
C LYS A 925 26.69 -10.41 -3.97
N LYS A 926 26.94 -11.04 -2.81
CA LYS A 926 28.28 -11.55 -2.41
C LYS A 926 28.45 -12.98 -2.96
N VAL A 927 29.54 -13.22 -3.71
CA VAL A 927 29.92 -14.54 -4.29
C VAL A 927 31.42 -14.77 -4.04
N GLN A 928 31.75 -15.67 -3.10
CA GLN A 928 33.14 -16.08 -2.76
C GLN A 928 33.38 -17.48 -3.32
N SER A 929 34.45 -17.67 -4.10
CA SER A 929 34.86 -18.97 -4.70
C SER A 929 36.13 -19.49 -4.04
N ASP A 930 36.25 -20.82 -3.93
CA ASP A 930 37.47 -21.53 -3.44
C ASP A 930 38.09 -22.33 -4.58
N GLY A 931 37.64 -22.11 -5.82
CA GLY A 931 38.11 -22.81 -7.04
C GLY A 931 37.12 -23.88 -7.50
N GLN A 932 36.60 -24.68 -6.56
CA GLN A 932 35.66 -25.80 -6.82
C GLN A 932 34.24 -25.38 -6.47
N ILE A 933 34.04 -24.85 -5.25
CA ILE A 933 32.71 -24.50 -4.67
C ILE A 933 32.63 -22.98 -4.45
N VAL A 934 31.54 -22.34 -4.88
CA VAL A 934 31.24 -20.90 -4.66
C VAL A 934 30.22 -20.78 -3.52
N LEU A 935 30.30 -19.69 -2.74
CA LEU A 935 29.42 -19.41 -1.57
C LEU A 935 28.58 -18.16 -1.86
N VAL A 936 27.28 -18.32 -2.08
CA VAL A 936 26.34 -17.23 -2.48
C VAL A 936 25.71 -16.64 -1.21
N ASP A 937 26.07 -15.39 -0.88
CA ASP A 937 25.54 -14.59 0.25
C ASP A 937 25.66 -15.37 1.58
N ASP A 938 26.67 -16.24 1.69
CA ASP A 938 27.04 -16.97 2.93
C ASP A 938 25.88 -17.86 3.42
N TRP A 939 25.09 -18.44 2.51
CA TRP A 939 23.97 -19.36 2.86
C TRP A 939 23.71 -20.42 1.78
N ILE A 940 24.29 -20.30 0.58
CA ILE A 940 24.15 -21.29 -0.54
C ILE A 940 25.54 -21.66 -1.05
N LYS A 941 25.76 -22.94 -1.31
CA LYS A 941 26.99 -23.51 -1.93
C LYS A 941 26.61 -24.19 -3.24
N LEU A 942 27.32 -23.88 -4.33
CA LEU A 942 27.10 -24.45 -5.69
C LEU A 942 28.39 -25.11 -6.18
N GLN A 943 28.33 -26.41 -6.49
CA GLN A 943 29.41 -27.13 -7.22
C GLN A 943 29.32 -26.73 -8.70
N ILE A 944 29.96 -25.61 -9.04
CA ILE A 944 29.91 -24.96 -10.38
C ILE A 944 31.33 -24.47 -10.73
N SER A 945 31.63 -24.34 -12.02
CA SER A 945 32.91 -23.82 -12.55
C SER A 945 33.21 -22.44 -11.93
N HIS A 946 34.49 -22.15 -11.68
CA HIS A 946 34.98 -20.85 -11.15
C HIS A 946 34.84 -19.76 -12.21
N GLU A 947 35.15 -20.10 -13.47
CA GLU A 947 35.16 -19.17 -14.63
C GLU A 947 33.74 -18.70 -14.94
N ALA A 948 32.79 -19.65 -14.95
CA ALA A 948 31.35 -19.40 -15.20
C ALA A 948 30.78 -18.45 -14.13
N ALA A 949 31.07 -18.73 -12.85
CA ALA A 949 30.59 -17.96 -11.68
C ALA A 949 31.11 -16.51 -11.76
N ALA A 950 32.38 -16.34 -12.07
CA ALA A 950 33.05 -15.02 -12.24
C ALA A 950 32.49 -14.30 -13.46
N CYS A 951 32.11 -15.04 -14.51
CA CYS A 951 31.61 -14.52 -15.80
C CYS A 951 30.14 -14.08 -15.66
N ILE A 952 29.28 -14.92 -15.08
CA ILE A 952 27.86 -14.60 -14.78
C ILE A 952 27.82 -13.38 -13.86
N THR A 953 28.75 -13.30 -12.92
CA THR A 953 28.97 -12.14 -12.02
C THR A 953 29.47 -10.95 -12.85
N GLY A 954 30.27 -11.21 -13.88
CA GLY A 954 30.72 -10.19 -14.86
C GLY A 954 29.55 -9.53 -15.56
N LEU A 955 28.60 -10.33 -16.05
CA LEU A 955 27.39 -9.86 -16.79
C LEU A 955 26.56 -8.92 -15.90
N ARG A 956 26.43 -9.25 -14.61
CA ARG A 956 25.72 -8.41 -13.60
C ARG A 956 26.25 -6.98 -13.68
N ALA A 957 27.57 -6.81 -13.59
CA ALA A 957 28.27 -5.51 -13.58
C ALA A 957 28.12 -4.81 -14.93
N ALA A 958 28.23 -5.57 -16.02
CA ALA A 958 28.04 -5.11 -17.41
C ALA A 958 26.61 -4.60 -17.59
N MET A 959 25.64 -5.35 -17.06
CA MET A 959 24.19 -5.05 -17.15
C MET A 959 23.88 -3.76 -16.37
N GLU A 960 24.42 -3.62 -15.15
CA GLU A 960 24.20 -2.43 -14.29
C GLU A 960 24.90 -1.22 -14.90
N ALA A 961 26.06 -1.43 -15.53
CA ALA A 961 26.83 -0.38 -16.25
C ALA A 961 26.01 0.14 -17.44
N LEU A 962 25.27 -0.75 -18.12
CA LEU A 962 24.41 -0.42 -19.28
C LEU A 962 23.19 0.40 -18.80
N VAL A 963 22.59 0.02 -17.67
CA VAL A 963 21.40 0.70 -17.09
C VAL A 963 21.73 2.19 -16.86
N VAL A 964 22.91 2.47 -16.28
CA VAL A 964 23.38 3.86 -15.99
C VAL A 964 23.49 4.64 -17.31
N GLU A 965 24.07 4.02 -18.34
CA GLU A 965 24.25 4.64 -19.69
C GLU A 965 22.89 4.84 -20.36
N VAL A 966 21.95 3.92 -20.15
CA VAL A 966 20.58 3.96 -20.74
C VAL A 966 19.78 5.09 -20.08
N THR A 967 19.88 5.26 -18.76
CA THR A 967 19.08 6.24 -17.98
C THR A 967 19.50 7.68 -18.31
N LYS A 968 20.72 7.87 -18.82
CA LYS A 968 21.22 9.19 -19.30
C LYS A 968 20.44 9.62 -20.55
N GLN A 969 20.10 8.65 -21.42
CA GLN A 969 19.35 8.87 -22.68
C GLN A 969 18.62 7.59 -23.06
N PRO A 970 17.41 7.32 -22.50
CA PRO A 970 16.72 6.05 -22.70
C PRO A 970 16.44 5.66 -24.17
N ALA A 971 16.39 6.64 -25.07
CA ALA A 971 16.17 6.47 -26.52
C ALA A 971 17.17 5.45 -27.12
N ILE A 972 18.36 5.31 -26.52
CA ILE A 972 19.51 4.55 -27.09
C ILE A 972 19.30 3.04 -27.01
N ILE A 973 18.22 2.55 -26.37
CA ILE A 973 17.96 1.09 -26.20
C ILE A 973 17.60 0.48 -27.57
N SER A 974 17.04 1.27 -28.48
CA SER A 974 16.67 0.86 -29.85
C SER A 974 17.93 0.61 -30.70
N GLN A 975 18.94 1.48 -30.55
CA GLN A 975 20.24 1.39 -31.27
C GLN A 975 21.36 1.20 -30.24
N LEU A 976 21.61 -0.04 -29.82
CA LEU A 976 22.63 -0.40 -28.80
C LEU A 976 23.92 -0.86 -29.50
N ASP A 977 25.05 -0.75 -28.80
CA ASP A 977 26.41 -1.13 -29.27
C ASP A 977 26.42 -2.62 -29.56
N PRO A 978 27.11 -3.10 -30.61
CA PRO A 978 27.16 -4.53 -30.93
C PRO A 978 27.57 -5.41 -29.75
N VAL A 979 28.58 -4.98 -28.99
CA VAL A 979 29.09 -5.69 -27.77
C VAL A 979 27.99 -5.74 -26.70
N ASN A 980 27.21 -4.66 -26.55
CA ASN A 980 26.14 -4.53 -25.52
C ASN A 980 24.93 -5.39 -25.91
N GLU A 981 24.61 -5.48 -27.20
CA GLU A 981 23.53 -6.39 -27.73
C GLU A 981 23.96 -7.84 -27.51
N ARG A 982 25.25 -8.14 -27.63
CA ARG A 982 25.84 -9.49 -27.46
C ARG A 982 25.86 -9.86 -25.98
N MET A 983 26.02 -8.87 -25.09
CA MET A 983 25.94 -9.02 -23.62
C MET A 983 24.50 -9.36 -23.20
N LEU A 984 23.51 -8.67 -23.78
CA LEU A 984 22.07 -8.92 -23.52
C LEU A 984 21.68 -10.31 -24.02
N ASN A 985 22.17 -10.70 -25.21
CA ASN A 985 21.93 -12.03 -25.84
C ASN A 985 22.46 -13.13 -24.91
N MET A 986 23.58 -12.88 -24.23
CA MET A 986 24.22 -13.85 -23.31
C MET A 986 23.40 -13.98 -22.02
N ILE A 987 22.82 -12.87 -21.53
CA ILE A 987 21.86 -12.87 -20.37
C ILE A 987 20.61 -13.64 -20.79
N ARG A 988 20.12 -13.43 -22.02
CA ARG A 988 18.98 -14.18 -22.61
C ARG A 988 19.29 -15.68 -22.60
N GLN A 989 20.55 -16.04 -22.88
CA GLN A 989 21.02 -17.44 -23.00
C GLN A 989 20.98 -18.15 -21.63
N ILE A 990 21.60 -17.54 -20.61
CA ILE A 990 21.69 -18.13 -19.23
C ILE A 990 20.33 -18.01 -18.53
N SER A 991 19.43 -17.17 -19.04
CA SER A 991 18.01 -17.07 -18.59
C SER A 991 17.25 -18.37 -18.93
N ARG A 992 17.65 -19.05 -20.02
CA ARG A 992 16.96 -20.26 -20.54
C ARG A 992 17.08 -21.39 -19.51
N PRO A 993 16.01 -22.19 -19.30
CA PRO A 993 16.10 -23.39 -18.47
C PRO A 993 17.13 -24.41 -18.98
N SER A 994 17.24 -24.56 -20.31
CA SER A 994 18.13 -25.52 -21.01
C SER A 994 19.61 -25.24 -20.68
N ALA A 995 19.97 -23.96 -20.47
CA ALA A 995 21.34 -23.49 -20.17
C ALA A 995 21.83 -24.06 -18.82
N ALA A 996 20.91 -24.42 -17.93
CA ALA A 996 21.20 -25.03 -16.61
C ALA A 996 20.78 -26.51 -16.61
N GLY A 997 20.75 -27.15 -17.79
CA GLY A 997 20.43 -28.58 -17.97
C GLY A 997 19.08 -28.95 -17.37
N ILE A 998 18.03 -28.20 -17.74
CA ILE A 998 16.63 -28.38 -17.25
C ILE A 998 15.67 -28.32 -18.45
N ASN A 999 14.72 -29.27 -18.50
CA ASN A 999 13.61 -29.30 -19.49
C ASN A 999 12.29 -29.37 -18.71
N LEU A 1000 11.51 -28.28 -18.73
CA LEU A 1000 10.25 -28.14 -17.95
C LEU A 1000 9.14 -29.00 -18.58
N MET A 1001 9.21 -29.20 -19.90
CA MET A 1001 8.24 -30.03 -20.68
C MET A 1001 8.18 -31.45 -20.07
N ILE A 1002 9.35 -32.02 -19.77
CA ILE A 1002 9.49 -33.31 -19.02
C ILE A 1002 9.36 -33.01 -17.52
#